data_2XVA
#
_entry.id   2XVA
#
_cell.length_a   59.100
_cell.length_b   55.590
_cell.length_c   129.700
_cell.angle_alpha   90.00
_cell.angle_beta   95.93
_cell.angle_gamma   90.00
#
_symmetry.space_group_name_H-M   'P 1 21 1'
#
loop_
_entity.id
_entity.type
_entity.pdbx_description
1 polymer 'TELLURITE RESISTANCE PROTEIN TEHB'
2 non-polymer SINEFUNGIN
3 non-polymer 'ZINC ION'
4 water water
#
_entity_poly.entity_id   1
_entity_poly.type   'polypeptide(L)'
_entity_poly.pdbx_seq_one_letter_code
;GAMVIRDENYFTDKYELTRTHSEVLEAVKVVKPGKTLDLGCGNGRNSLYLAANGYDVDAWDKNAMSIANVERIKSIENLD
NLHTRVVDLNNLTFDRQYDFILSTVVLMFLEAKTIPGLIANMQRCTKPGGYNLIVAAMDTADYPCTVGFPFAFKEGELRR
YYEGWERVKYNEDVGELHRTDANGNRIKLRFATMLARKK
;
_entity_poly.pdbx_strand_id   A,B,C,D
#
loop_
_chem_comp.id
_chem_comp.type
_chem_comp.name
_chem_comp.formula
SFG non-polymer SINEFUNGIN 'C15 H23 N7 O5'
ZN non-polymer 'ZINC ION' 'Zn 2'
#
# COMPACT_ATOMS: atom_id res chain seq x y z
N GLY A 1 -12.74 -45.62 6.95
CA GLY A 1 -11.33 -45.11 6.81
C GLY A 1 -11.26 -43.78 6.04
N ALA A 2 -10.26 -42.94 6.33
CA ALA A 2 -10.17 -41.64 5.65
C ALA A 2 -9.55 -41.71 4.24
N MET A 3 -10.34 -41.26 3.27
CA MET A 3 -10.00 -41.21 1.85
CA MET A 3 -9.92 -41.29 1.87
C MET A 3 -8.67 -40.45 1.63
N VAL A 4 -7.72 -41.07 0.94
CA VAL A 4 -6.38 -40.50 0.77
C VAL A 4 -6.15 -39.59 -0.46
N ILE A 5 -7.05 -39.61 -1.47
CA ILE A 5 -6.89 -38.75 -2.65
C ILE A 5 -6.96 -37.27 -2.27
N ARG A 6 -6.01 -36.49 -2.80
CA ARG A 6 -5.97 -35.05 -2.62
C ARG A 6 -5.90 -34.41 -4.02
N ASP A 7 -7.06 -34.30 -4.67
CA ASP A 7 -7.15 -33.77 -6.07
C ASP A 7 -7.37 -32.24 -6.11
N GLU A 8 -7.69 -31.72 -7.30
CA GLU A 8 -7.86 -30.27 -7.51
C GLU A 8 -9.14 -29.72 -6.84
N ASN A 9 -10.05 -30.61 -6.46
CA ASN A 9 -11.29 -30.29 -5.72
C ASN A 9 -11.16 -30.31 -4.19
N TYR A 10 -10.12 -30.94 -3.65
CA TYR A 10 -10.05 -31.18 -2.19
C TYR A 10 -10.09 -29.90 -1.30
N PHE A 11 -9.05 -29.08 -1.41
CA PHE A 11 -8.99 -27.82 -0.68
C PHE A 11 -10.01 -26.81 -1.21
N THR A 12 -10.32 -26.92 -2.49
CA THR A 12 -11.24 -26.03 -3.18
C THR A 12 -12.63 -26.14 -2.57
N ASP A 13 -13.09 -27.38 -2.35
CA ASP A 13 -14.46 -27.68 -1.92
C ASP A 13 -14.64 -27.60 -0.39
N LYS A 14 -13.53 -27.75 0.33
CA LYS A 14 -13.53 -27.77 1.77
C LYS A 14 -13.23 -26.38 2.39
N TYR A 15 -12.36 -25.59 1.75
CA TYR A 15 -11.92 -24.30 2.31
C TYR A 15 -12.18 -23.03 1.48
N GLU A 16 -13.06 -23.15 0.48
CA GLU A 16 -13.48 -22.04 -0.41
C GLU A 16 -12.33 -21.42 -1.20
N LEU A 17 -11.35 -22.22 -1.58
CA LEU A 17 -10.20 -21.70 -2.28
C LEU A 17 -10.46 -21.83 -3.75
N THR A 18 -9.83 -20.97 -4.55
CA THR A 18 -9.88 -21.17 -5.98
C THR A 18 -9.22 -22.52 -6.29
N ARG A 19 -9.74 -23.17 -7.34
CA ARG A 19 -9.21 -24.43 -7.83
C ARG A 19 -7.71 -24.25 -8.08
N THR A 20 -6.93 -25.28 -7.71
CA THR A 20 -5.50 -25.37 -8.00
C THR A 20 -5.21 -24.86 -9.43
N HIS A 21 -4.17 -24.04 -9.57
CA HIS A 21 -3.81 -23.49 -10.88
C HIS A 21 -3.58 -24.58 -11.95
N SER A 22 -4.20 -24.41 -13.14
CA SER A 22 -4.13 -25.40 -14.22
CA SER A 22 -4.12 -25.39 -14.23
C SER A 22 -2.69 -25.77 -14.53
N GLU A 23 -1.78 -24.79 -14.46
CA GLU A 23 -0.39 -25.07 -14.80
C GLU A 23 0.35 -25.84 -13.71
N VAL A 24 -0.10 -25.71 -12.46
CA VAL A 24 0.44 -26.52 -11.37
C VAL A 24 -0.01 -27.97 -11.57
N LEU A 25 -1.30 -28.16 -11.87
CA LEU A 25 -1.86 -29.48 -12.13
C LEU A 25 -1.14 -30.18 -13.28
N GLU A 26 -0.78 -29.41 -14.31
CA GLU A 26 -0.05 -29.97 -15.45
CA GLU A 26 -0.05 -29.97 -15.44
C GLU A 26 1.40 -30.28 -15.09
N ALA A 27 2.06 -29.32 -14.45
CA ALA A 27 3.44 -29.43 -14.05
C ALA A 27 3.72 -30.72 -13.30
N VAL A 28 2.84 -31.11 -12.36
CA VAL A 28 3.09 -32.29 -11.52
C VAL A 28 3.02 -33.60 -12.31
N LYS A 29 2.54 -33.57 -13.55
CA LYS A 29 2.61 -34.81 -14.37
C LYS A 29 4.06 -35.09 -14.79
N VAL A 30 4.90 -34.07 -14.69
CA VAL A 30 6.26 -34.10 -15.18
C VAL A 30 7.22 -33.95 -14.01
N VAL A 31 6.92 -32.99 -13.14
CA VAL A 31 7.74 -32.71 -11.95
C VAL A 31 7.40 -33.64 -10.77
N LYS A 32 8.36 -34.44 -10.34
CA LYS A 32 8.13 -35.42 -9.28
C LYS A 32 8.19 -34.77 -7.89
N PRO A 33 7.51 -35.33 -6.85
CA PRO A 33 7.61 -34.71 -5.52
C PRO A 33 9.05 -34.31 -5.14
N GLY A 34 9.21 -33.14 -4.54
CA GLY A 34 10.52 -32.69 -4.17
C GLY A 34 10.52 -31.45 -3.32
N LYS A 35 11.70 -30.90 -3.07
CA LYS A 35 11.83 -29.67 -2.34
C LYS A 35 11.33 -28.51 -3.20
N THR A 36 10.28 -27.87 -2.71
CA THR A 36 9.52 -26.91 -3.49
C THR A 36 9.43 -25.54 -2.80
N LEU A 37 9.42 -24.50 -3.62
CA LEU A 37 9.29 -23.12 -3.21
C LEU A 37 8.17 -22.44 -4.01
N ASP A 38 7.16 -21.96 -3.28
CA ASP A 38 5.98 -21.30 -3.87
C ASP A 38 6.09 -19.83 -3.49
N LEU A 39 6.51 -19.03 -4.46
CA LEU A 39 6.84 -17.64 -4.25
C LEU A 39 5.60 -16.80 -4.47
N GLY A 40 5.04 -16.28 -3.37
CA GLY A 40 3.76 -15.55 -3.39
C GLY A 40 2.60 -16.54 -3.34
N CYS A 41 2.51 -17.33 -2.27
CA CYS A 41 1.57 -18.48 -2.23
C CYS A 41 0.08 -18.13 -2.07
N GLY A 42 -0.21 -16.87 -1.74
CA GLY A 42 -1.57 -16.40 -1.44
C GLY A 42 -2.21 -17.22 -0.32
N ASN A 43 -3.48 -17.59 -0.51
CA ASN A 43 -4.17 -18.46 0.45
C ASN A 43 -3.87 -19.95 0.31
N GLY A 44 -2.86 -20.24 -0.49
CA GLY A 44 -2.22 -21.54 -0.50
C GLY A 44 -2.81 -22.59 -1.40
N ARG A 45 -3.63 -22.22 -2.37
CA ARG A 45 -4.22 -23.30 -3.21
C ARG A 45 -3.17 -24.25 -3.78
N ASN A 46 -2.06 -23.68 -4.23
CA ASN A 46 -1.03 -24.48 -4.84
C ASN A 46 -0.11 -25.16 -3.82
N SER A 47 0.29 -24.45 -2.78
CA SER A 47 1.13 -25.04 -1.73
C SER A 47 0.45 -26.22 -1.03
N LEU A 48 -0.83 -26.05 -0.74
CA LEU A 48 -1.63 -27.09 -0.07
C LEU A 48 -1.77 -28.35 -0.94
N TYR A 49 -2.06 -28.17 -2.23
CA TYR A 49 -2.15 -29.29 -3.14
C TYR A 49 -0.81 -30.05 -3.25
N LEU A 50 0.26 -29.29 -3.42
CA LEU A 50 1.61 -29.84 -3.48
C LEU A 50 2.00 -30.61 -2.25
N ALA A 51 1.83 -29.98 -1.07
CA ALA A 51 2.19 -30.61 0.20
C ALA A 51 1.36 -31.87 0.49
N ALA A 52 0.07 -31.81 0.19
CA ALA A 52 -0.80 -32.97 0.32
C ALA A 52 -0.41 -34.12 -0.65
N ASN A 53 0.35 -33.82 -1.70
CA ASN A 53 0.77 -34.84 -2.66
C ASN A 53 2.27 -35.17 -2.62
N GLY A 54 2.92 -34.92 -1.48
CA GLY A 54 4.29 -35.40 -1.24
C GLY A 54 5.41 -34.38 -1.44
N TYR A 55 5.05 -33.16 -1.81
CA TYR A 55 6.07 -32.15 -2.04
C TYR A 55 6.36 -31.50 -0.71
N ASP A 56 7.62 -31.21 -0.47
CA ASP A 56 8.06 -30.49 0.73
CA ASP A 56 8.03 -30.49 0.74
C ASP A 56 8.05 -29.00 0.40
N VAL A 57 7.06 -28.26 0.91
CA VAL A 57 6.78 -26.89 0.41
C VAL A 57 7.16 -25.72 1.36
N ASP A 58 7.97 -24.77 0.85
CA ASP A 58 8.20 -23.49 1.53
C ASP A 58 7.24 -22.54 0.86
N ALA A 59 6.31 -21.99 1.61
CA ALA A 59 5.23 -21.20 1.04
C ALA A 59 5.30 -19.80 1.59
N TRP A 60 5.60 -18.85 0.71
CA TRP A 60 5.90 -17.50 1.12
C TRP A 60 5.01 -16.43 0.48
N ASP A 61 4.66 -15.39 1.27
CA ASP A 61 3.78 -14.29 0.81
C ASP A 61 3.92 -13.06 1.73
N LYS A 62 3.67 -11.87 1.20
CA LYS A 62 3.69 -10.62 1.97
C LYS A 62 2.48 -10.47 2.89
N ASN A 63 1.38 -11.14 2.54
CA ASN A 63 0.11 -10.95 3.23
C ASN A 63 -0.02 -11.83 4.48
N ALA A 64 0.18 -11.21 5.66
CA ALA A 64 0.12 -11.90 6.97
C ALA A 64 -1.17 -12.72 7.20
N MET A 65 -2.30 -12.18 6.75
CA MET A 65 -3.62 -12.83 6.88
C MET A 65 -3.74 -14.08 5.99
N SER A 66 -3.27 -13.95 4.74
CA SER A 66 -3.18 -15.09 3.82
C SER A 66 -2.28 -16.18 4.39
N ILE A 67 -1.11 -15.81 4.89
CA ILE A 67 -0.24 -16.77 5.59
C ILE A 67 -0.94 -17.41 6.81
N ALA A 68 -1.61 -16.61 7.64
CA ALA A 68 -2.34 -17.19 8.77
C ALA A 68 -3.36 -18.23 8.28
N ASN A 69 -4.02 -17.93 7.15
CA ASN A 69 -5.03 -18.83 6.62
C ASN A 69 -4.42 -20.18 6.19
N VAL A 70 -3.28 -20.12 5.50
CA VAL A 70 -2.49 -21.32 5.17
C VAL A 70 -2.14 -22.11 6.41
N GLU A 71 -1.57 -21.45 7.42
CA GLU A 71 -1.29 -22.08 8.72
C GLU A 71 -2.52 -22.69 9.41
N ARG A 72 -3.67 -22.03 9.31
CA ARG A 72 -4.92 -22.56 9.87
C ARG A 72 -5.26 -23.89 9.20
N ILE A 73 -5.31 -23.89 7.86
CA ILE A 73 -5.60 -25.09 7.10
C ILE A 73 -4.51 -26.18 7.28
N LYS A 74 -3.24 -25.79 7.22
CA LYS A 74 -2.13 -26.70 7.53
C LYS A 74 -2.34 -27.47 8.85
N SER A 75 -2.75 -26.74 9.89
CA SER A 75 -2.99 -27.35 11.20
C SER A 75 -4.15 -28.33 11.18
N ILE A 76 -5.28 -27.90 10.63
CA ILE A 76 -6.44 -28.80 10.46
C ILE A 76 -6.07 -30.12 9.74
N GLU A 77 -5.36 -30.01 8.64
CA GLU A 77 -4.97 -31.14 7.79
C GLU A 77 -3.69 -31.91 8.16
N ASN A 78 -2.97 -31.45 9.18
CA ASN A 78 -1.68 -32.09 9.58
C ASN A 78 -0.62 -32.16 8.47
N LEU A 79 -0.53 -31.09 7.69
CA LEU A 79 0.47 -31.00 6.66
C LEU A 79 1.83 -30.58 7.22
N ASP A 80 2.52 -31.58 7.78
CA ASP A 80 3.84 -31.47 8.36
CA ASP A 80 3.82 -31.37 8.39
C ASP A 80 4.90 -30.89 7.41
N ASN A 81 4.73 -31.18 6.12
CA ASN A 81 5.72 -30.85 5.09
C ASN A 81 5.43 -29.53 4.36
N LEU A 82 4.68 -28.65 5.01
CA LEU A 82 4.38 -27.34 4.49
C LEU A 82 4.84 -26.29 5.51
N HIS A 83 5.69 -25.36 5.06
CA HIS A 83 6.27 -24.40 5.97
C HIS A 83 6.05 -23.00 5.42
N THR A 84 5.61 -22.06 6.25
CA THR A 84 5.20 -20.76 5.73
C THR A 84 6.13 -19.66 6.21
N ARG A 85 6.11 -18.55 5.48
CA ARG A 85 6.88 -17.38 5.87
C ARG A 85 6.23 -16.16 5.26
N VAL A 86 6.14 -15.10 6.07
CA VAL A 86 5.73 -13.79 5.63
C VAL A 86 6.99 -13.04 5.19
N VAL A 87 7.07 -12.80 3.89
CA VAL A 87 8.24 -12.25 3.21
C VAL A 87 7.81 -11.09 2.29
N ASP A 88 8.71 -10.14 2.03
CA ASP A 88 8.50 -9.20 0.94
C ASP A 88 9.45 -9.56 -0.21
N LEU A 89 8.86 -10.05 -1.32
CA LEU A 89 9.64 -10.51 -2.46
C LEU A 89 10.45 -9.39 -3.11
N ASN A 90 10.09 -8.13 -2.87
CA ASN A 90 10.88 -6.98 -3.33
C ASN A 90 12.15 -6.75 -2.53
N ASN A 91 12.21 -7.35 -1.36
CA ASN A 91 13.38 -7.14 -0.51
C ASN A 91 13.77 -8.45 0.10
N LEU A 92 14.19 -9.38 -0.75
CA LEU A 92 14.44 -10.75 -0.33
C LEU A 92 15.54 -11.42 -1.15
N THR A 93 16.45 -12.09 -0.45
CA THR A 93 17.42 -13.00 -1.05
C THR A 93 17.28 -14.34 -0.31
N PHE A 94 17.39 -15.44 -1.04
CA PHE A 94 17.32 -16.77 -0.46
C PHE A 94 18.41 -17.68 -1.03
N ASP A 95 18.69 -18.78 -0.35
CA ASP A 95 19.87 -19.55 -0.67
C ASP A 95 19.70 -21.07 -0.65
N ARG A 96 18.51 -21.58 -0.38
CA ARG A 96 18.32 -23.04 -0.39
C ARG A 96 18.16 -23.54 -1.82
N GLN A 97 18.57 -24.79 -2.05
CA GLN A 97 18.47 -25.40 -3.37
C GLN A 97 17.14 -26.13 -3.47
N TYR A 98 16.44 -26.00 -4.59
CA TYR A 98 15.13 -26.59 -4.74
C TYR A 98 15.01 -27.44 -5.99
N ASP A 99 14.15 -28.45 -5.90
CA ASP A 99 13.75 -29.25 -7.05
C ASP A 99 12.76 -28.52 -7.96
N PHE A 100 11.99 -27.59 -7.38
CA PHE A 100 10.83 -26.98 -8.06
C PHE A 100 10.59 -25.63 -7.41
N ILE A 101 10.57 -24.57 -8.21
CA ILE A 101 10.18 -23.25 -7.74
C ILE A 101 9.06 -22.79 -8.66
N LEU A 102 7.96 -22.33 -8.09
CA LEU A 102 6.84 -21.83 -8.89
C LEU A 102 6.48 -20.42 -8.42
N SER A 103 6.08 -19.58 -9.37
CA SER A 103 5.49 -18.29 -9.09
C SER A 103 4.34 -18.13 -10.09
N THR A 104 3.11 -18.27 -9.60
CA THR A 104 1.95 -18.23 -10.45
C THR A 104 1.17 -16.94 -10.13
N VAL A 105 1.02 -16.06 -11.13
CA VAL A 105 0.29 -14.77 -11.05
C VAL A 105 0.66 -13.88 -9.84
N VAL A 106 1.98 -13.74 -9.67
CA VAL A 106 2.57 -12.95 -8.60
C VAL A 106 3.50 -11.85 -9.15
N LEU A 107 4.30 -12.17 -10.18
CA LEU A 107 5.39 -11.26 -10.52
C LEU A 107 4.93 -9.89 -10.98
N MET A 108 3.76 -9.80 -11.64
CA MET A 108 3.28 -8.50 -12.05
C MET A 108 2.98 -7.57 -10.85
N PHE A 109 2.87 -8.11 -9.65
CA PHE A 109 2.60 -7.24 -8.51
C PHE A 109 3.86 -6.68 -7.90
N LEU A 110 5.02 -7.15 -8.36
CA LEU A 110 6.30 -6.68 -7.80
C LEU A 110 6.85 -5.44 -8.54
N GLU A 111 7.76 -4.73 -7.90
CA GLU A 111 8.51 -3.66 -8.53
C GLU A 111 9.32 -4.21 -9.69
N ALA A 112 9.29 -3.50 -10.82
CA ALA A 112 10.04 -3.88 -12.00
C ALA A 112 11.54 -4.07 -11.67
N LYS A 113 12.06 -3.29 -10.72
CA LYS A 113 13.50 -3.39 -10.41
C LYS A 113 13.88 -4.63 -9.62
N THR A 114 12.88 -5.31 -9.08
CA THR A 114 13.06 -6.57 -8.37
C THR A 114 13.30 -7.73 -9.31
N ILE A 115 12.65 -7.68 -10.47
CA ILE A 115 12.55 -8.91 -11.31
C ILE A 115 13.89 -9.53 -11.76
N PRO A 116 14.82 -8.74 -12.35
CA PRO A 116 16.06 -9.39 -12.80
C PRO A 116 16.77 -10.16 -11.68
N GLY A 117 16.94 -9.53 -10.51
CA GLY A 117 17.58 -10.15 -9.33
C GLY A 117 16.84 -11.37 -8.77
N LEU A 118 15.52 -11.28 -8.70
CA LEU A 118 14.71 -12.42 -8.25
C LEU A 118 14.80 -13.66 -9.19
N ILE A 119 14.74 -13.42 -10.50
CA ILE A 119 14.78 -14.51 -11.47
C ILE A 119 16.15 -15.15 -11.42
N ALA A 120 17.20 -14.31 -11.39
CA ALA A 120 18.55 -14.87 -11.23
C ALA A 120 18.62 -15.70 -9.95
N ASN A 121 18.01 -15.22 -8.87
CA ASN A 121 18.03 -15.94 -7.56
C ASN A 121 17.31 -17.29 -7.68
N MET A 122 16.14 -17.26 -8.33
CA MET A 122 15.38 -18.48 -8.66
C MET A 122 16.24 -19.49 -9.40
N GLN A 123 16.94 -19.05 -10.45
CA GLN A 123 17.68 -20.00 -11.28
C GLN A 123 18.86 -20.59 -10.51
N ARG A 124 19.56 -19.69 -9.79
CA ARG A 124 20.71 -20.03 -8.96
CA ARG A 124 20.73 -20.08 -9.00
C ARG A 124 20.34 -21.18 -8.02
N CYS A 125 19.14 -21.04 -7.43
CA CYS A 125 18.66 -21.94 -6.38
C CYS A 125 17.82 -23.11 -6.87
N THR A 126 17.87 -23.37 -8.17
CA THR A 126 17.28 -24.60 -8.71
C THR A 126 18.37 -25.65 -8.90
N LYS A 127 18.11 -26.90 -8.49
CA LYS A 127 19.07 -28.01 -8.70
C LYS A 127 19.17 -28.32 -10.19
N PRO A 128 20.33 -28.82 -10.66
CA PRO A 128 20.32 -29.33 -12.04
C PRO A 128 19.25 -30.39 -12.21
N GLY A 129 18.50 -30.32 -13.29
CA GLY A 129 17.34 -31.18 -13.44
C GLY A 129 16.08 -30.67 -12.76
N GLY A 130 16.21 -29.62 -11.93
CA GLY A 130 15.04 -29.05 -11.25
C GLY A 130 14.20 -28.19 -12.22
N TYR A 131 13.03 -27.75 -11.79
CA TYR A 131 12.11 -27.00 -12.66
C TYR A 131 11.70 -25.65 -12.08
N ASN A 132 11.37 -24.71 -12.97
CA ASN A 132 10.79 -23.43 -12.57
C ASN A 132 9.51 -23.30 -13.36
N LEU A 133 8.42 -22.98 -12.68
CA LEU A 133 7.16 -22.67 -13.33
C LEU A 133 6.81 -21.23 -13.08
N ILE A 134 6.59 -20.44 -14.15
CA ILE A 134 6.24 -19.02 -13.96
C ILE A 134 5.01 -18.70 -14.83
N VAL A 135 4.03 -18.03 -14.26
CA VAL A 135 2.89 -17.45 -15.05
C VAL A 135 2.74 -16.01 -14.59
N ALA A 136 2.73 -15.09 -15.54
CA ALA A 136 2.68 -13.66 -15.24
C ALA A 136 2.19 -12.82 -16.38
N ALA A 137 1.49 -11.75 -16.03
CA ALA A 137 0.91 -10.79 -16.99
C ALA A 137 1.98 -10.21 -17.88
N MET A 138 1.60 -9.91 -19.12
CA MET A 138 2.51 -9.19 -20.05
C MET A 138 1.91 -7.83 -20.44
N ASP A 139 2.73 -7.02 -21.09
CA ASP A 139 2.34 -5.75 -21.67
C ASP A 139 2.93 -5.74 -23.08
N THR A 140 2.05 -5.81 -24.07
CA THR A 140 2.50 -5.93 -25.48
C THR A 140 1.80 -4.91 -26.38
N ALA A 141 2.37 -4.68 -27.57
CA ALA A 141 1.76 -3.82 -28.57
C ALA A 141 0.32 -4.22 -28.89
N ASP A 142 0.07 -5.52 -29.09
CA ASP A 142 -1.29 -5.97 -29.43
C ASP A 142 -2.23 -6.09 -28.23
N TYR A 143 -1.65 -6.30 -27.02
CA TYR A 143 -2.38 -6.39 -25.73
C TYR A 143 -1.75 -5.55 -24.63
N PRO A 144 -1.95 -4.22 -24.72
CA PRO A 144 -1.31 -3.35 -23.75
C PRO A 144 -1.90 -3.56 -22.34
N CYS A 145 -1.06 -3.33 -21.34
CA CYS A 145 -1.52 -3.46 -19.97
C CYS A 145 -2.46 -2.31 -19.68
N THR A 146 -3.67 -2.67 -19.24
CA THR A 146 -4.68 -1.66 -18.95
C THR A 146 -4.91 -1.58 -17.44
N VAL A 147 -4.22 -2.43 -16.69
CA VAL A 147 -4.42 -2.52 -15.25
C VAL A 147 -3.42 -1.62 -14.52
N GLY A 148 -2.30 -1.31 -15.14
CA GLY A 148 -1.25 -0.57 -14.43
C GLY A 148 -0.50 -1.40 -13.38
N PHE A 149 -0.24 -2.68 -13.68
CA PHE A 149 0.55 -3.53 -12.77
C PHE A 149 1.92 -2.87 -12.66
N PRO A 150 2.55 -2.93 -11.51
CA PRO A 150 3.87 -2.27 -11.48
C PRO A 150 4.93 -3.00 -12.35
N PHE A 151 4.73 -4.28 -12.65
CA PHE A 151 5.59 -5.01 -13.57
C PHE A 151 4.76 -5.85 -14.54
N ALA A 152 5.28 -6.02 -15.73
CA ALA A 152 4.74 -7.02 -16.68
C ALA A 152 5.85 -7.39 -17.66
N PHE A 153 5.82 -8.64 -18.10
CA PHE A 153 6.82 -9.10 -19.07
C PHE A 153 6.54 -8.49 -20.43
N LYS A 154 7.59 -8.14 -21.13
CA LYS A 154 7.46 -7.78 -22.54
C LYS A 154 7.47 -9.04 -23.37
N GLU A 155 7.02 -8.94 -24.61
CA GLU A 155 7.06 -10.05 -25.57
C GLU A 155 8.47 -10.63 -25.65
N GLY A 156 8.61 -11.95 -25.43
CA GLY A 156 9.89 -12.67 -25.55
C GLY A 156 10.82 -12.57 -24.34
N GLU A 157 10.46 -11.72 -23.36
CA GLU A 157 11.33 -11.43 -22.21
C GLU A 157 11.49 -12.63 -21.26
N LEU A 158 10.42 -13.32 -20.92
CA LEU A 158 10.58 -14.49 -20.04
C LEU A 158 11.42 -15.55 -20.70
N ARG A 159 11.17 -15.77 -22.00
CA ARG A 159 11.98 -16.75 -22.76
C ARG A 159 13.47 -16.39 -22.73
N ARG A 160 13.76 -15.11 -22.98
CA ARG A 160 15.13 -14.61 -22.89
C ARG A 160 15.81 -14.88 -21.50
N TYR A 161 15.10 -14.62 -20.41
CA TYR A 161 15.60 -14.95 -19.07
C TYR A 161 16.03 -16.43 -18.94
N TYR A 162 15.26 -17.34 -19.53
CA TYR A 162 15.53 -18.76 -19.43
C TYR A 162 16.22 -19.38 -20.65
N GLU A 163 16.98 -18.60 -21.40
CA GLU A 163 17.86 -19.19 -22.42
C GLU A 163 18.76 -20.29 -21.81
N GLY A 164 18.92 -21.39 -22.51
CA GLY A 164 19.76 -22.47 -21.94
C GLY A 164 19.03 -23.46 -21.02
N TRP A 165 17.82 -23.14 -20.59
CA TRP A 165 16.99 -24.13 -19.87
C TRP A 165 16.18 -24.85 -20.95
N GLU A 166 15.70 -26.07 -20.67
CA GLU A 166 14.78 -26.73 -21.58
C GLU A 166 13.40 -26.17 -21.25
N ARG A 167 12.76 -25.56 -22.25
CA ARG A 167 11.45 -25.04 -22.08
C ARG A 167 10.48 -26.17 -22.42
N VAL A 168 10.15 -26.94 -21.40
CA VAL A 168 9.16 -27.99 -21.50
C VAL A 168 7.85 -27.38 -22.03
N LYS A 169 7.51 -26.19 -21.54
CA LYS A 169 6.34 -25.48 -22.06
C LYS A 169 6.63 -23.98 -22.05
N TYR A 170 6.29 -23.30 -23.13
CA TYR A 170 6.42 -21.85 -23.12
C TYR A 170 5.45 -21.26 -24.10
N ASN A 171 4.63 -20.34 -23.63
CA ASN A 171 3.74 -19.58 -24.51
C ASN A 171 3.39 -18.23 -23.89
N GLU A 172 2.86 -17.34 -24.73
CA GLU A 172 2.49 -16.03 -24.34
C GLU A 172 1.05 -15.81 -24.79
N ASP A 173 0.21 -16.82 -24.55
CA ASP A 173 -1.18 -16.76 -24.96
C ASP A 173 -2.00 -15.72 -24.28
N VAL A 174 -3.01 -15.27 -25.01
CA VAL A 174 -3.93 -14.29 -24.49
C VAL A 174 -4.79 -14.98 -23.45
N GLY A 175 -4.89 -14.36 -22.28
CA GLY A 175 -5.81 -14.82 -21.27
C GLY A 175 -6.73 -13.70 -20.83
N GLU A 176 -7.41 -13.95 -19.72
CA GLU A 176 -8.32 -12.97 -19.13
C GLU A 176 -8.02 -12.86 -17.67
N LEU A 177 -8.05 -11.62 -17.19
CA LEU A 177 -8.11 -11.39 -15.75
C LEU A 177 -9.55 -11.64 -15.31
N HIS A 178 -9.74 -11.83 -14.00
CA HIS A 178 -11.10 -12.00 -13.49
CA HIS A 178 -11.08 -12.00 -13.39
C HIS A 178 -11.80 -10.65 -13.33
N ARG A 179 -11.02 -9.60 -13.08
CA ARG A 179 -11.57 -8.26 -12.96
C ARG A 179 -12.03 -7.78 -14.34
N THR A 180 -12.98 -6.85 -14.36
CA THR A 180 -13.64 -6.48 -15.58
C THR A 180 -13.49 -5.00 -15.93
N ASP A 181 -13.78 -4.65 -17.18
CA ASP A 181 -13.57 -3.30 -17.66
C ASP A 181 -14.85 -2.48 -17.49
N ALA A 182 -14.84 -1.24 -17.98
CA ALA A 182 -15.99 -0.33 -17.86
C ALA A 182 -17.29 -0.91 -18.41
N ASN A 183 -17.21 -1.89 -19.32
CA ASN A 183 -18.42 -2.58 -19.83
C ASN A 183 -18.63 -3.96 -19.20
N GLY A 184 -17.85 -4.26 -18.16
CA GLY A 184 -18.02 -5.54 -17.43
C GLY A 184 -17.47 -6.76 -18.16
N ASN A 185 -16.65 -6.52 -19.19
CA ASN A 185 -15.98 -7.59 -19.93
C ASN A 185 -14.65 -7.88 -19.27
N ARG A 186 -14.31 -9.16 -19.15
CA ARG A 186 -13.03 -9.52 -18.54
C ARG A 186 -11.91 -8.81 -19.29
N ILE A 187 -10.92 -8.31 -18.55
CA ILE A 187 -9.74 -7.69 -19.17
C ILE A 187 -8.89 -8.77 -19.87
N LYS A 188 -8.66 -8.56 -21.15
CA LYS A 188 -7.84 -9.48 -21.95
C LYS A 188 -6.39 -9.00 -21.87
N LEU A 189 -5.48 -9.95 -21.67
CA LEU A 189 -4.06 -9.68 -21.63
CA LEU A 189 -4.05 -9.68 -21.74
C LEU A 189 -3.28 -10.97 -21.99
N ARG A 190 -2.08 -10.84 -22.54
CA ARG A 190 -1.26 -12.00 -22.74
C ARG A 190 -0.63 -12.34 -21.41
N PHE A 191 -0.47 -13.63 -21.15
CA PHE A 191 0.29 -14.09 -20.00
C PHE A 191 1.50 -14.87 -20.49
N ALA A 192 2.64 -14.65 -19.87
CA ALA A 192 3.81 -15.48 -20.16
C ALA A 192 3.74 -16.71 -19.25
N THR A 193 3.64 -17.89 -19.87
CA THR A 193 3.62 -19.16 -19.16
C THR A 193 4.81 -20.02 -19.59
N MET A 194 5.55 -20.47 -18.58
CA MET A 194 6.74 -21.29 -18.85
C MET A 194 6.92 -22.36 -17.79
N LEU A 195 7.12 -23.61 -18.23
CA LEU A 195 7.70 -24.63 -17.38
C LEU A 195 9.06 -24.97 -17.97
N ALA A 196 10.11 -24.73 -17.20
CA ALA A 196 11.46 -24.88 -17.71
C ALA A 196 12.31 -25.73 -16.78
N ARG A 197 13.15 -26.57 -17.39
CA ARG A 197 14.00 -27.51 -16.66
C ARG A 197 15.45 -27.09 -16.81
N LYS A 198 16.18 -27.05 -15.71
CA LYS A 198 17.58 -26.60 -15.71
C LYS A 198 18.50 -27.76 -16.17
N LYS A 199 19.51 -27.48 -16.97
CA LYS A 199 20.43 -28.54 -17.45
C LYS A 199 21.28 -29.15 -16.32
N GLY B 1 20.29 10.42 34.03
CA GLY B 1 19.77 9.44 33.05
C GLY B 1 19.88 8.02 33.62
N ALA B 2 19.56 7.06 32.76
CA ALA B 2 19.70 5.64 33.11
C ALA B 2 21.16 5.26 33.28
N MET B 3 22.05 5.91 32.52
CA MET B 3 23.50 5.59 32.55
CA MET B 3 23.49 5.60 32.53
C MET B 3 23.79 4.14 32.15
N VAL B 4 23.27 3.73 30.98
CA VAL B 4 23.55 2.41 30.42
C VAL B 4 24.52 2.56 29.25
N ILE B 5 25.28 1.50 28.96
CA ILE B 5 26.28 1.52 27.89
C ILE B 5 25.57 1.57 26.51
N ARG B 6 24.62 0.66 26.32
CA ARG B 6 23.94 0.60 25.04
C ARG B 6 22.64 1.37 25.12
N ASP B 7 22.79 2.70 25.08
CA ASP B 7 21.72 3.64 25.31
C ASP B 7 21.21 4.22 23.99
N GLU B 8 20.38 5.25 24.08
CA GLU B 8 19.79 5.88 22.88
C GLU B 8 20.86 6.36 21.88
N ASN B 9 21.97 6.86 22.41
CA ASN B 9 23.01 7.36 21.54
C ASN B 9 23.86 6.22 20.92
N TYR B 10 23.93 5.08 21.61
CA TYR B 10 24.70 3.94 21.11
C TYR B 10 24.12 3.42 19.81
N PHE B 11 22.82 3.12 19.84
CA PHE B 11 22.15 2.55 18.69
C PHE B 11 22.04 3.53 17.53
N THR B 12 21.81 4.79 17.86
CA THR B 12 21.72 5.85 16.87
C THR B 12 23.06 6.05 16.15
N ASP B 13 24.13 6.09 16.92
CA ASP B 13 25.42 6.24 16.33
C ASP B 13 25.77 5.02 15.48
N LYS B 14 25.60 3.83 16.04
CA LYS B 14 26.06 2.63 15.38
C LYS B 14 25.21 2.23 14.17
N TYR B 15 23.90 2.38 14.28
CA TYR B 15 23.00 1.81 13.28
C TYR B 15 22.15 2.85 12.57
N GLU B 16 22.35 4.11 12.91
CA GLU B 16 21.66 5.21 12.24
C GLU B 16 20.14 5.13 12.40
N LEU B 17 19.72 4.51 13.51
CA LEU B 17 18.34 4.50 13.96
C LEU B 17 18.02 5.86 14.58
N THR B 18 16.76 6.25 14.53
CA THR B 18 16.30 7.43 15.24
C THR B 18 16.51 7.19 16.75
N ARG B 19 16.82 8.26 17.46
CA ARG B 19 16.91 8.23 18.93
C ARG B 19 15.70 7.51 19.56
N THR B 20 15.92 6.73 20.64
CA THR B 20 14.82 6.04 21.38
C THR B 20 13.70 7.04 21.75
N HIS B 21 12.44 6.65 21.60
CA HIS B 21 11.34 7.58 21.90
C HIS B 21 11.48 8.12 23.32
N SER B 22 11.37 9.43 23.51
CA SER B 22 11.55 10.01 24.86
C SER B 22 10.62 9.38 25.90
N GLU B 23 9.42 8.94 25.49
CA GLU B 23 8.47 8.39 26.47
C GLU B 23 8.85 6.97 26.88
N VAL B 24 9.57 6.25 26.01
CA VAL B 24 10.16 4.98 26.39
C VAL B 24 11.27 5.22 27.45
N LEU B 25 12.14 6.22 27.19
CA LEU B 25 13.20 6.56 28.14
C LEU B 25 12.62 6.94 29.48
N GLU B 26 11.51 7.69 29.45
CA GLU B 26 10.84 8.05 30.70
CA GLU B 26 10.79 8.06 30.66
C GLU B 26 10.14 6.85 31.34
N ALA B 27 9.52 5.97 30.55
CA ALA B 27 8.84 4.77 31.08
C ALA B 27 9.73 3.84 31.90
N VAL B 28 11.01 3.68 31.51
CA VAL B 28 11.89 2.76 32.26
C VAL B 28 12.16 3.27 33.68
N LYS B 29 11.86 4.55 33.94
CA LYS B 29 11.91 5.07 35.33
C LYS B 29 10.92 4.42 36.29
N VAL B 30 9.86 3.78 35.77
CA VAL B 30 8.87 3.16 36.67
C VAL B 30 8.45 1.75 36.28
N VAL B 31 8.54 1.42 34.99
CA VAL B 31 8.12 0.11 34.55
C VAL B 31 9.20 -0.92 34.91
N LYS B 32 8.89 -1.90 35.75
CA LYS B 32 9.93 -2.89 36.07
C LYS B 32 10.22 -3.75 34.86
N PRO B 33 11.51 -4.11 34.67
CA PRO B 33 11.88 -5.02 33.59
C PRO B 33 11.00 -6.26 33.61
N GLY B 34 10.57 -6.69 32.43
CA GLY B 34 9.73 -7.87 32.32
C GLY B 34 9.40 -8.14 30.87
N LYS B 35 8.43 -9.01 30.66
CA LYS B 35 7.98 -9.38 29.34
C LYS B 35 7.26 -8.23 28.65
N THR B 36 7.74 -7.89 27.46
CA THR B 36 7.37 -6.63 26.78
C THR B 36 6.94 -6.88 25.34
N LEU B 37 5.91 -6.15 24.91
CA LEU B 37 5.37 -6.25 23.56
C LEU B 37 5.46 -4.87 22.92
N ASP B 38 6.19 -4.78 21.81
CA ASP B 38 6.37 -3.54 21.09
C ASP B 38 5.52 -3.64 19.80
N LEU B 39 4.36 -2.98 19.80
CA LEU B 39 3.44 -3.17 18.66
C LEU B 39 3.74 -2.17 17.58
N GLY B 40 4.36 -2.65 16.49
CA GLY B 40 4.77 -1.81 15.35
C GLY B 40 6.16 -1.27 15.65
N CYS B 41 7.11 -2.19 15.93
CA CYS B 41 8.46 -1.86 16.42
C CYS B 41 9.32 -1.06 15.42
N GLY B 42 8.89 -1.05 14.16
CA GLY B 42 9.67 -0.34 13.12
C GLY B 42 11.08 -0.90 13.01
N ASN B 43 12.06 -0.01 12.85
CA ASN B 43 13.46 -0.44 12.76
C ASN B 43 14.12 -0.77 14.12
N GLY B 44 13.30 -0.86 15.17
CA GLY B 44 13.74 -1.41 16.45
C GLY B 44 14.25 -0.44 17.47
N ARG B 45 14.17 0.87 17.23
CA ARG B 45 14.86 1.83 18.13
C ARG B 45 14.46 1.59 19.61
N ASN B 46 13.18 1.28 19.85
CA ASN B 46 12.71 1.06 21.20
C ASN B 46 12.88 -0.39 21.67
N SER B 47 12.67 -1.35 20.77
CA SER B 47 12.84 -2.76 21.08
C SER B 47 14.29 -3.09 21.47
N LEU B 48 15.24 -2.52 20.72
CA LEU B 48 16.66 -2.80 20.94
C LEU B 48 17.14 -2.14 22.25
N TYR B 49 16.71 -0.91 22.51
CA TYR B 49 17.01 -0.25 23.78
C TYR B 49 16.49 -1.06 25.00
N LEU B 50 15.23 -1.48 24.94
CA LEU B 50 14.66 -2.23 26.03
C LEU B 50 15.30 -3.61 26.16
N ALA B 51 15.53 -4.31 25.03
CA ALA B 51 16.16 -5.64 25.08
C ALA B 51 17.62 -5.60 25.58
N ALA B 52 18.37 -4.56 25.20
CA ALA B 52 19.75 -4.42 25.66
C ALA B 52 19.79 -4.19 27.16
N ASN B 53 18.71 -3.61 27.71
CA ASN B 53 18.69 -3.12 29.08
C ASN B 53 17.64 -3.80 30.01
N GLY B 54 17.50 -5.11 29.87
CA GLY B 54 16.81 -5.95 30.88
C GLY B 54 15.41 -6.41 30.56
N TYR B 55 14.84 -5.96 29.44
CA TYR B 55 13.47 -6.33 29.04
C TYR B 55 13.44 -7.49 28.04
N ASP B 56 12.47 -8.38 28.17
CA ASP B 56 12.32 -9.49 27.25
CA ASP B 56 12.29 -9.50 27.27
C ASP B 56 11.26 -9.05 26.24
N VAL B 57 11.66 -8.81 25.00
CA VAL B 57 10.81 -8.09 24.01
C VAL B 57 10.30 -8.96 22.87
N ASP B 58 8.98 -8.96 22.68
CA ASP B 58 8.36 -9.38 21.41
C ASP B 58 8.22 -8.14 20.54
N ALA B 59 8.84 -8.13 19.35
CA ALA B 59 8.88 -6.93 18.48
C ALA B 59 8.21 -7.25 17.14
N TRP B 60 7.05 -6.61 16.91
CA TRP B 60 6.17 -6.97 15.79
C TRP B 60 5.94 -5.79 14.89
N ASP B 61 5.93 -6.06 13.58
CA ASP B 61 5.69 -4.99 12.58
C ASP B 61 5.22 -5.61 11.27
N LYS B 62 4.52 -4.84 10.43
CA LYS B 62 4.09 -5.38 9.14
C LYS B 62 5.19 -5.36 8.07
N ASN B 63 6.19 -4.50 8.24
CA ASN B 63 7.26 -4.27 7.28
C ASN B 63 8.38 -5.30 7.45
N ALA B 64 8.48 -6.26 6.49
CA ALA B 64 9.39 -7.37 6.59
C ALA B 64 10.84 -6.94 6.51
N MET B 65 11.10 -5.92 5.69
CA MET B 65 12.44 -5.28 5.65
C MET B 65 12.86 -4.73 7.02
N SER B 66 11.94 -4.04 7.71
CA SER B 66 12.24 -3.45 9.04
C SER B 66 12.52 -4.57 10.02
N ILE B 67 11.63 -5.56 10.06
CA ILE B 67 11.84 -6.76 10.88
C ILE B 67 13.18 -7.44 10.58
N ALA B 68 13.50 -7.58 9.30
CA ALA B 68 14.80 -8.13 8.92
C ALA B 68 15.93 -7.30 9.45
N ASN B 69 15.78 -5.98 9.47
CA ASN B 69 16.81 -5.11 10.04
C ASN B 69 16.94 -5.31 11.56
N VAL B 70 15.79 -5.41 12.25
CA VAL B 70 15.78 -5.68 13.67
C VAL B 70 16.50 -7.00 13.97
N GLU B 71 16.19 -8.01 13.17
CA GLU B 71 16.81 -9.32 13.34
C GLU B 71 18.34 -9.28 13.08
N ARG B 72 18.76 -8.47 12.11
CA ARG B 72 20.19 -8.30 11.81
C ARG B 72 20.93 -7.65 12.99
N ILE B 73 20.39 -6.54 13.45
CA ILE B 73 21.00 -5.82 14.59
C ILE B 73 21.02 -6.66 15.89
N LYS B 74 19.90 -7.31 16.18
CA LYS B 74 19.81 -8.28 17.31
C LYS B 74 20.99 -9.25 17.31
N SER B 75 21.25 -9.85 16.14
CA SER B 75 22.31 -10.86 16.02
C SER B 75 23.68 -10.25 16.25
N ILE B 76 23.95 -9.10 15.61
CA ILE B 76 25.22 -8.36 15.81
C ILE B 76 25.44 -8.08 17.30
N GLU B 77 24.41 -7.59 17.97
CA GLU B 77 24.51 -7.20 19.39
C GLU B 77 24.42 -8.40 20.34
N ASN B 78 24.34 -9.59 19.76
CA ASN B 78 24.30 -10.83 20.55
C ASN B 78 23.10 -10.86 21.51
N LEU B 79 21.95 -10.33 21.08
CA LEU B 79 20.76 -10.29 21.97
C LEU B 79 19.95 -11.58 21.84
N ASP B 80 19.61 -12.21 22.96
CA ASP B 80 18.81 -13.42 22.91
CA ASP B 80 18.85 -13.46 23.06
C ASP B 80 17.39 -13.23 23.45
N ASN B 81 17.11 -12.02 23.95
CA ASN B 81 15.81 -11.68 24.57
C ASN B 81 15.01 -10.67 23.74
N LEU B 82 15.11 -10.82 22.43
CA LEU B 82 14.38 -9.98 21.47
C LEU B 82 13.89 -10.90 20.35
N HIS B 83 12.57 -11.02 20.24
CA HIS B 83 11.94 -11.95 19.31
C HIS B 83 11.07 -11.19 18.36
N THR B 84 11.32 -11.34 17.07
CA THR B 84 10.65 -10.56 16.06
C THR B 84 9.58 -11.38 15.37
N ARG B 85 8.53 -10.70 14.92
CA ARG B 85 7.55 -11.32 14.07
C ARG B 85 6.98 -10.31 13.09
N VAL B 86 6.73 -10.74 11.85
CA VAL B 86 5.99 -9.88 10.89
C VAL B 86 4.50 -10.14 11.07
N VAL B 87 3.76 -9.11 11.48
CA VAL B 87 2.31 -9.20 11.74
C VAL B 87 1.54 -8.06 11.07
N ASP B 88 0.24 -8.26 10.83
CA ASP B 88 -0.60 -7.15 10.43
C ASP B 88 -1.49 -6.79 11.61
N LEU B 89 -1.23 -5.63 12.23
CA LEU B 89 -2.03 -5.17 13.38
C LEU B 89 -3.53 -4.96 13.08
N ASN B 90 -3.88 -4.70 11.81
CA ASN B 90 -5.30 -4.71 11.41
C ASN B 90 -5.97 -6.08 11.45
N ASN B 91 -5.17 -7.15 11.50
CA ASN B 91 -5.75 -8.49 11.35
C ASN B 91 -5.03 -9.40 12.30
N LEU B 92 -5.16 -9.10 13.58
CA LEU B 92 -4.35 -9.75 14.60
C LEU B 92 -5.03 -9.77 15.95
N THR B 93 -5.01 -10.94 16.58
CA THR B 93 -5.28 -11.06 18.01
C THR B 93 -4.16 -11.85 18.69
N PHE B 94 -3.89 -11.55 19.96
CA PHE B 94 -2.84 -12.23 20.71
C PHE B 94 -3.34 -12.58 22.11
N ASP B 95 -2.70 -13.56 22.74
CA ASP B 95 -3.20 -14.16 23.96
C ASP B 95 -2.19 -14.27 25.14
N ARG B 96 -0.96 -13.84 24.93
CA ARG B 96 0.06 -13.91 26.00
C ARG B 96 -0.05 -12.72 26.97
N GLN B 97 0.31 -12.92 28.23
CA GLN B 97 0.27 -11.85 29.23
C GLN B 97 1.60 -11.10 29.30
N TYR B 98 1.54 -9.76 29.33
CA TYR B 98 2.76 -8.94 29.30
C TYR B 98 2.86 -8.00 30.50
N ASP B 99 4.11 -7.72 30.91
CA ASP B 99 4.39 -6.73 31.97
C ASP B 99 4.31 -5.30 31.37
N PHE B 100 4.52 -5.20 30.05
CA PHE B 100 4.66 -3.88 29.40
C PHE B 100 4.23 -4.03 27.94
N ILE B 101 3.28 -3.21 27.52
CA ILE B 101 2.95 -3.16 26.10
C ILE B 101 3.10 -1.71 25.67
N LEU B 102 3.84 -1.50 24.60
CA LEU B 102 3.99 -0.15 24.07
C LEU B 102 3.59 -0.07 22.62
N SER B 103 3.03 1.08 22.24
CA SER B 103 2.74 1.34 20.84
C SER B 103 3.04 2.80 20.68
N THR B 104 4.19 3.12 20.11
CA THR B 104 4.58 4.53 19.94
C THR B 104 4.50 4.93 18.46
N VAL B 105 3.74 5.99 18.18
CA VAL B 105 3.52 6.53 16.81
C VAL B 105 3.24 5.45 15.75
N VAL B 106 2.32 4.55 16.11
CA VAL B 106 1.87 3.48 15.21
C VAL B 106 0.35 3.57 14.94
N LEU B 107 -0.46 3.81 16.00
CA LEU B 107 -1.94 3.64 15.88
C LEU B 107 -2.57 4.45 14.75
N MET B 108 -2.02 5.65 14.51
CA MET B 108 -2.53 6.49 13.42
C MET B 108 -2.39 5.89 12.03
N PHE B 109 -1.51 4.90 11.86
CA PHE B 109 -1.33 4.24 10.59
C PHE B 109 -2.28 3.07 10.37
N LEU B 110 -3.04 2.73 11.41
CA LEU B 110 -3.99 1.61 11.31
C LEU B 110 -5.38 2.08 10.88
N GLU B 111 -6.21 1.13 10.48
CA GLU B 111 -7.60 1.37 10.13
C GLU B 111 -8.32 1.77 11.42
N ALA B 112 -9.14 2.82 11.34
CA ALA B 112 -9.89 3.26 12.52
C ALA B 112 -10.72 2.10 13.09
N LYS B 113 -11.22 1.20 12.24
CA LYS B 113 -12.01 0.10 12.78
C LYS B 113 -11.22 -0.93 13.55
N THR B 114 -9.89 -0.83 13.50
CA THR B 114 -9.00 -1.74 14.24
C THR B 114 -8.90 -1.37 15.71
N ILE B 115 -8.84 -0.05 15.96
CA ILE B 115 -8.48 0.49 17.28
C ILE B 115 -9.32 -0.03 18.46
N PRO B 116 -10.65 -0.01 18.35
CA PRO B 116 -11.34 -0.44 19.58
C PRO B 116 -10.93 -1.83 20.07
N GLY B 117 -10.96 -2.82 19.17
CA GLY B 117 -10.58 -4.20 19.52
C GLY B 117 -9.11 -4.38 19.87
N LEU B 118 -8.23 -3.62 19.22
CA LEU B 118 -6.78 -3.67 19.51
C LEU B 118 -6.46 -3.16 20.92
N ILE B 119 -7.05 -2.03 21.30
CA ILE B 119 -6.85 -1.50 22.66
C ILE B 119 -7.41 -2.49 23.71
N ALA B 120 -8.60 -3.02 23.48
CA ALA B 120 -9.17 -3.98 24.45
C ALA B 120 -8.26 -5.20 24.60
N ASN B 121 -7.69 -5.67 23.46
CA ASN B 121 -6.77 -6.84 23.43
C ASN B 121 -5.50 -6.47 24.19
N MET B 122 -4.99 -5.24 23.97
CA MET B 122 -3.82 -4.80 24.77
C MET B 122 -4.11 -4.87 26.27
N GLN B 123 -5.22 -4.26 26.69
CA GLN B 123 -5.63 -4.23 28.10
C GLN B 123 -5.79 -5.64 28.69
N ARG B 124 -6.52 -6.49 28.00
CA ARG B 124 -6.75 -7.88 28.40
CA ARG B 124 -6.74 -7.87 28.45
C ARG B 124 -5.44 -8.66 28.58
N CYS B 125 -4.44 -8.31 27.77
CA CYS B 125 -3.14 -9.03 27.82
C CYS B 125 -2.09 -8.37 28.66
N THR B 126 -2.50 -7.47 29.54
CA THR B 126 -1.56 -6.82 30.44
C THR B 126 -1.76 -7.42 31.82
N LYS B 127 -0.65 -7.85 32.45
CA LYS B 127 -0.72 -8.45 33.81
C LYS B 127 -1.20 -7.39 34.78
N PRO B 128 -1.94 -7.79 35.85
CA PRO B 128 -2.18 -6.92 37.00
C PRO B 128 -0.94 -6.17 37.41
N GLY B 129 -1.01 -4.85 37.49
CA GLY B 129 0.20 -4.10 37.81
C GLY B 129 1.15 -3.74 36.66
N GLY B 130 0.92 -4.28 35.47
CA GLY B 130 1.72 -3.96 34.31
C GLY B 130 1.27 -2.66 33.66
N TYR B 131 2.01 -2.25 32.65
CA TYR B 131 1.83 -0.92 32.01
C TYR B 131 1.55 -0.98 30.53
N ASN B 132 0.80 0.01 30.03
CA ASN B 132 0.66 0.24 28.59
C ASN B 132 1.16 1.63 28.29
N LEU B 133 2.01 1.75 27.28
CA LEU B 133 2.48 3.05 26.82
C LEU B 133 1.94 3.29 25.43
N ILE B 134 1.17 4.36 25.24
CA ILE B 134 0.63 4.71 23.93
C ILE B 134 0.95 6.15 23.62
N VAL B 135 1.46 6.37 22.41
CA VAL B 135 1.64 7.77 21.89
C VAL B 135 1.11 7.73 20.42
N ALA B 136 0.11 8.54 20.10
CA ALA B 136 -0.40 8.59 18.71
C ALA B 136 -1.01 9.96 18.36
N ALA B 137 -1.11 10.22 17.06
CA ALA B 137 -1.60 11.52 16.52
C ALA B 137 -3.04 11.74 16.89
N MET B 138 -3.40 13.01 17.05
CA MET B 138 -4.78 13.38 17.29
C MET B 138 -5.35 14.24 16.18
N ASP B 139 -6.65 14.33 16.14
CA ASP B 139 -7.32 15.24 15.24
C ASP B 139 -8.30 16.05 16.09
N THR B 140 -8.00 17.32 16.29
CA THR B 140 -8.85 18.14 17.16
C THR B 140 -9.24 19.45 16.47
N ALA B 141 -10.23 20.15 17.07
CA ALA B 141 -10.70 21.43 16.53
C ALA B 141 -9.59 22.47 16.46
N ASP B 142 -8.80 22.62 17.53
CA ASP B 142 -7.64 23.53 17.44
C ASP B 142 -6.45 23.06 16.60
N TYR B 143 -6.22 21.74 16.52
CA TYR B 143 -5.19 21.13 15.65
C TYR B 143 -5.76 20.01 14.76
N PRO B 144 -6.38 20.40 13.63
CA PRO B 144 -6.93 19.44 12.69
C PRO B 144 -5.85 18.58 12.09
N CYS B 145 -6.16 17.32 11.81
CA CYS B 145 -5.22 16.47 11.08
C CYS B 145 -5.05 17.00 9.66
N THR B 146 -3.80 17.25 9.29
CA THR B 146 -3.50 17.77 7.93
C THR B 146 -2.67 16.77 7.11
N VAL B 147 -2.50 15.57 7.67
CA VAL B 147 -1.76 14.51 7.01
C VAL B 147 -2.70 13.47 6.37
N GLY B 148 -3.92 13.36 6.87
CA GLY B 148 -4.79 12.28 6.39
C GLY B 148 -4.46 10.89 6.92
N PHE B 149 -3.95 10.79 8.15
CA PHE B 149 -3.77 9.46 8.76
C PHE B 149 -5.12 8.76 8.76
N PRO B 150 -5.13 7.44 8.54
CA PRO B 150 -6.41 6.73 8.53
C PRO B 150 -7.09 6.67 9.89
N PHE B 151 -6.31 6.79 11.00
CA PHE B 151 -6.85 6.92 12.34
C PHE B 151 -6.20 8.12 13.09
N ALA B 152 -6.93 8.76 13.99
CA ALA B 152 -6.33 9.75 14.90
C ALA B 152 -7.26 9.86 16.08
N PHE B 153 -6.69 9.98 17.27
CA PHE B 153 -7.52 10.00 18.48
C PHE B 153 -8.22 11.34 18.50
N LYS B 154 -9.42 11.34 19.05
CA LYS B 154 -10.12 12.57 19.27
C LYS B 154 -9.73 13.08 20.66
N GLU B 155 -10.08 14.33 20.96
CA GLU B 155 -9.79 14.91 22.29
C GLU B 155 -10.47 14.09 23.37
N GLY B 156 -9.67 13.64 24.35
CA GLY B 156 -10.15 12.84 25.46
C GLY B 156 -10.39 11.35 25.20
N GLU B 157 -10.23 10.94 23.94
CA GLU B 157 -10.54 9.54 23.57
C GLU B 157 -9.59 8.50 24.21
N LEU B 158 -8.28 8.76 24.19
CA LEU B 158 -7.37 7.77 24.81
C LEU B 158 -7.57 7.67 26.31
N ARG B 159 -7.78 8.80 26.97
CA ARG B 159 -8.13 8.77 28.40
C ARG B 159 -9.36 7.91 28.68
N ARG B 160 -10.39 8.13 27.87
CA ARG B 160 -11.63 7.33 27.97
C ARG B 160 -11.39 5.80 27.83
N TYR B 161 -10.59 5.39 26.84
CA TYR B 161 -10.22 3.98 26.71
C TYR B 161 -9.67 3.41 28.02
N TYR B 162 -8.90 4.23 28.74
CA TYR B 162 -8.14 3.75 29.89
C TYR B 162 -8.78 4.14 31.24
N GLU B 163 -10.08 4.40 31.22
CA GLU B 163 -10.78 4.66 32.47
C GLU B 163 -10.52 3.51 33.47
N GLY B 164 -10.20 3.85 34.71
CA GLY B 164 -9.94 2.78 35.69
C GLY B 164 -8.52 2.20 35.70
N TRP B 165 -7.66 2.63 34.79
CA TRP B 165 -6.23 2.34 34.91
C TRP B 165 -5.65 3.50 35.67
N GLU B 166 -4.54 3.31 36.37
CA GLU B 166 -3.82 4.46 36.95
C GLU B 166 -3.03 5.18 35.85
N ARG B 167 -3.42 6.42 35.54
CA ARG B 167 -2.74 7.17 34.47
C ARG B 167 -1.52 7.83 35.11
N VAL B 168 -0.38 7.12 35.10
CA VAL B 168 0.89 7.64 35.61
C VAL B 168 1.27 8.89 34.81
N LYS B 169 0.99 8.87 33.51
CA LYS B 169 1.17 10.06 32.66
C LYS B 169 0.03 10.09 31.67
N TYR B 170 -0.60 11.27 31.54
CA TYR B 170 -1.51 11.48 30.45
C TYR B 170 -1.49 12.93 30.01
N ASN B 171 -1.22 13.15 28.72
CA ASN B 171 -1.40 14.48 28.15
C ASN B 171 -1.75 14.43 26.68
N GLU B 172 -2.28 15.55 26.18
CA GLU B 172 -2.63 15.73 24.78
C GLU B 172 -1.89 16.93 24.22
N ASP B 173 -0.62 17.06 24.60
CA ASP B 173 0.17 18.23 24.23
C ASP B 173 0.41 18.40 22.71
N VAL B 174 0.63 19.64 22.31
CA VAL B 174 0.95 19.92 20.90
C VAL B 174 2.36 19.44 20.68
N GLY B 175 2.53 18.65 19.62
CA GLY B 175 3.84 18.17 19.24
C GLY B 175 4.10 18.60 17.82
N GLU B 176 5.07 17.94 17.18
CA GLU B 176 5.49 18.23 15.80
C GLU B 176 5.78 16.93 15.10
N LEU B 177 5.34 16.80 13.86
CA LEU B 177 5.82 15.71 13.01
C LEU B 177 7.22 16.05 12.47
N HIS B 178 7.98 15.02 12.09
CA HIS B 178 9.25 15.17 11.34
CA HIS B 178 9.25 15.28 11.40
C HIS B 178 9.02 15.84 9.98
N ARG B 179 7.96 15.40 9.30
CA ARG B 179 7.56 15.97 8.01
C ARG B 179 7.20 17.44 8.08
N THR B 180 7.48 18.14 6.98
CA THR B 180 7.30 19.57 6.83
C THR B 180 6.10 19.96 5.93
N ASP B 181 5.61 21.19 6.10
CA ASP B 181 4.39 21.66 5.44
C ASP B 181 4.61 22.40 4.11
N ALA B 182 5.86 22.46 3.66
CA ALA B 182 6.17 23.24 2.46
C ALA B 182 6.13 24.76 2.69
N ASN B 183 6.36 25.19 3.93
CA ASN B 183 7.03 26.49 4.18
C ASN B 183 8.28 26.11 4.96
N GLY B 184 8.53 24.81 5.00
CA GLY B 184 9.68 24.25 5.73
C GLY B 184 9.39 23.86 7.16
N ASN B 185 8.23 24.27 7.68
CA ASN B 185 7.97 24.11 9.10
C ASN B 185 7.34 22.79 9.46
N ARG B 186 7.90 22.16 10.49
CA ARG B 186 7.39 20.91 11.02
C ARG B 186 5.88 21.07 11.21
N ILE B 187 5.14 20.04 10.82
CA ILE B 187 3.69 20.08 10.98
C ILE B 187 3.32 19.91 12.45
N LYS B 188 2.47 20.81 12.94
CA LYS B 188 2.03 20.82 14.34
C LYS B 188 0.76 19.98 14.45
N LEU B 189 0.68 19.22 15.54
CA LEU B 189 -0.50 18.42 15.86
C LEU B 189 -0.43 18.09 17.33
N ARG B 190 -1.60 17.84 17.92
CA ARG B 190 -1.57 17.24 19.25
C ARG B 190 -1.24 15.77 19.20
N PHE B 191 -0.45 15.28 20.17
CA PHE B 191 -0.32 13.82 20.40
C PHE B 191 -0.97 13.42 21.71
N ALA B 192 -1.69 12.30 21.68
CA ALA B 192 -2.16 11.67 22.92
C ALA B 192 -1.02 10.76 23.39
N THR B 193 -0.56 11.05 24.60
CA THR B 193 0.54 10.35 25.25
C THR B 193 0.08 9.80 26.59
N MET B 194 0.19 8.50 26.78
CA MET B 194 -0.27 7.94 28.04
C MET B 194 0.64 6.83 28.51
N LEU B 195 1.05 6.90 29.77
CA LEU B 195 1.60 5.74 30.48
C LEU B 195 0.65 5.31 31.60
N ALA B 196 0.11 4.10 31.49
CA ALA B 196 -0.94 3.64 32.42
C ALA B 196 -0.65 2.27 32.98
N ARG B 197 -1.05 2.10 34.25
CA ARG B 197 -0.78 0.92 35.03
C ARG B 197 -2.11 0.27 35.33
N LYS B 198 -2.20 -1.02 35.09
CA LYS B 198 -3.45 -1.77 35.25
C LYS B 198 -3.67 -2.11 36.71
N LYS B 199 -4.95 -2.04 37.13
CA LYS B 199 -5.54 -2.54 38.40
C LYS B 199 -5.63 -1.47 39.52
N ARG C 6 -42.10 16.27 -8.02
CA ARG C 6 -42.03 14.80 -8.17
C ARG C 6 -41.48 14.15 -6.90
N ASP C 7 -42.41 13.77 -6.02
CA ASP C 7 -42.11 13.28 -4.66
C ASP C 7 -42.19 11.74 -4.57
N GLU C 8 -42.38 11.22 -3.37
CA GLU C 8 -42.33 9.77 -3.09
C GLU C 8 -43.54 9.00 -3.58
N ASN C 9 -44.56 9.74 -4.03
CA ASN C 9 -45.72 9.11 -4.61
C ASN C 9 -45.69 9.19 -6.13
N TYR C 10 -44.95 10.16 -6.66
CA TYR C 10 -44.91 10.39 -8.10
C TYR C 10 -44.54 9.17 -8.96
N PHE C 11 -43.34 8.63 -8.78
CA PHE C 11 -42.90 7.46 -9.58
C PHE C 11 -43.62 6.21 -9.12
N THR C 12 -43.91 6.15 -7.82
CA THR C 12 -44.63 5.05 -7.18
C THR C 12 -45.92 4.78 -7.94
N ASP C 13 -46.75 5.82 -8.04
CA ASP C 13 -48.06 5.68 -8.66
C ASP C 13 -47.95 5.60 -10.18
N LYS C 14 -47.11 6.44 -10.77
CA LYS C 14 -47.06 6.52 -12.24
C LYS C 14 -46.43 5.26 -12.87
N TYR C 15 -45.50 4.63 -12.15
CA TYR C 15 -44.78 3.49 -12.68
C TYR C 15 -44.96 2.17 -11.91
N GLU C 16 -45.90 2.15 -10.97
CA GLU C 16 -46.22 0.95 -10.19
C GLU C 16 -44.95 0.33 -9.60
N LEU C 17 -44.18 1.20 -8.95
CA LEU C 17 -43.01 0.83 -8.16
C LEU C 17 -43.39 0.75 -6.68
N THR C 18 -42.58 0.04 -5.90
CA THR C 18 -42.67 0.12 -4.46
C THR C 18 -42.29 1.56 -4.03
N ARG C 19 -43.03 2.12 -3.06
CA ARG C 19 -42.73 3.45 -2.46
C ARG C 19 -41.23 3.60 -2.16
N THR C 20 -40.71 4.81 -2.36
CA THR C 20 -39.34 5.21 -2.01
C THR C 20 -38.96 4.67 -0.61
N HIS C 21 -37.76 4.12 -0.48
CA HIS C 21 -37.36 3.58 0.83
C HIS C 21 -37.44 4.66 1.94
N SER C 22 -38.03 4.32 3.08
CA SER C 22 -38.26 5.35 4.14
C SER C 22 -36.96 6.01 4.62
N GLU C 23 -35.86 5.27 4.61
CA GLU C 23 -34.54 5.83 5.04
C GLU C 23 -33.93 6.78 4.03
N VAL C 24 -34.29 6.58 2.75
CA VAL C 24 -33.92 7.54 1.70
C VAL C 24 -34.69 8.85 1.88
N LEU C 25 -35.99 8.71 2.16
CA LEU C 25 -36.81 9.88 2.43
C LEU C 25 -36.26 10.65 3.63
N GLU C 26 -35.82 9.95 4.67
CA GLU C 26 -35.25 10.60 5.85
C GLU C 26 -33.88 11.19 5.56
N ALA C 27 -33.05 10.46 4.82
CA ALA C 27 -31.71 10.91 4.49
C ALA C 27 -31.71 12.27 3.79
N VAL C 28 -32.59 12.46 2.81
CA VAL C 28 -32.59 13.72 2.05
C VAL C 28 -32.91 14.98 2.89
N LYS C 29 -33.48 14.79 4.07
CA LYS C 29 -33.65 15.90 5.01
C LYS C 29 -32.34 16.52 5.49
N VAL C 30 -31.25 15.75 5.52
CA VAL C 30 -29.95 16.34 5.89
C VAL C 30 -28.91 16.26 4.78
N VAL C 31 -28.99 15.21 3.95
CA VAL C 31 -28.06 15.08 2.82
C VAL C 31 -28.48 15.97 1.67
N LYS C 32 -27.71 17.00 1.41
CA LYS C 32 -28.03 17.96 0.35
C LYS C 32 -27.80 17.36 -1.05
N PRO C 33 -28.55 17.84 -2.08
CA PRO C 33 -28.32 17.34 -3.44
C PRO C 33 -26.85 17.30 -3.86
N GLY C 34 -26.45 16.22 -4.52
CA GLY C 34 -25.06 16.02 -4.93
C GLY C 34 -24.85 14.73 -5.70
N LYS C 35 -23.58 14.43 -5.97
CA LYS C 35 -23.22 13.26 -6.74
C LYS C 35 -23.52 12.01 -5.91
N THR C 36 -24.28 11.09 -6.50
CA THR C 36 -24.86 10.00 -5.76
C THR C 36 -24.63 8.68 -6.49
N LEU C 37 -24.35 7.64 -5.70
CA LEU C 37 -24.17 6.29 -6.24
C LEU C 37 -25.16 5.37 -5.51
N ASP C 38 -26.03 4.74 -6.28
CA ASP C 38 -27.00 3.80 -5.78
C ASP C 38 -26.58 2.41 -6.18
N LEU C 39 -26.05 1.65 -5.21
CA LEU C 39 -25.47 0.30 -5.47
C LEU C 39 -26.51 -0.76 -5.27
N GLY C 40 -27.02 -1.29 -6.38
CA GLY C 40 -28.12 -2.21 -6.36
C GLY C 40 -29.43 -1.45 -6.46
N CYS C 41 -29.61 -0.68 -7.54
CA CYS C 41 -30.73 0.28 -7.64
C CYS C 41 -32.10 -0.38 -7.93
N GLY C 42 -32.09 -1.66 -8.28
CA GLY C 42 -33.32 -2.34 -8.76
C GLY C 42 -34.04 -1.57 -9.86
N ASN C 43 -35.36 -1.47 -9.72
CA ASN C 43 -36.17 -0.77 -10.71
C ASN C 43 -36.28 0.73 -10.53
N GLY C 44 -35.47 1.27 -9.62
CA GLY C 44 -35.18 2.69 -9.63
C GLY C 44 -35.92 3.54 -8.62
N ARG C 45 -36.71 2.92 -7.74
CA ARG C 45 -37.55 3.72 -6.82
C ARG C 45 -36.72 4.82 -6.13
N ASN C 46 -35.50 4.48 -5.70
CA ASN C 46 -34.73 5.49 -4.96
C ASN C 46 -33.89 6.40 -5.89
N SER C 47 -33.26 5.81 -6.89
CA SER C 47 -32.52 6.58 -7.90
C SER C 47 -33.42 7.62 -8.59
N LEU C 48 -34.65 7.24 -8.90
CA LEU C 48 -35.58 8.16 -9.62
C LEU C 48 -36.01 9.34 -8.75
N TYR C 49 -36.45 9.06 -7.53
CA TYR C 49 -36.70 10.10 -6.55
C TYR C 49 -35.50 11.01 -6.36
N LEU C 50 -34.31 10.47 -6.09
CA LEU C 50 -33.14 11.35 -5.91
C LEU C 50 -32.86 12.22 -7.16
N ALA C 51 -32.85 11.59 -8.35
CA ALA C 51 -32.52 12.30 -9.59
C ALA C 51 -33.54 13.39 -9.93
N ALA C 52 -34.80 13.12 -9.62
CA ALA C 52 -35.86 14.12 -9.80
C ALA C 52 -35.72 15.30 -8.78
N ASN C 53 -35.11 15.02 -7.64
CA ASN C 53 -34.90 16.05 -6.61
C ASN C 53 -33.49 16.66 -6.53
N GLY C 54 -32.77 16.69 -7.66
CA GLY C 54 -31.53 17.46 -7.73
C GLY C 54 -30.21 16.72 -7.53
N TYR C 55 -30.28 15.42 -7.26
CA TYR C 55 -29.08 14.59 -7.10
C TYR C 55 -28.62 14.06 -8.47
N ASP C 56 -27.32 14.05 -8.71
CA ASP C 56 -26.78 13.42 -9.93
CA ASP C 56 -26.85 13.41 -9.93
C ASP C 56 -26.49 11.97 -9.60
N VAL C 57 -27.21 11.05 -10.22
CA VAL C 57 -27.23 9.66 -9.79
C VAL C 57 -26.58 8.69 -10.76
N ASP C 58 -25.63 7.94 -10.22
CA ASP C 58 -25.16 6.69 -10.83
C ASP C 58 -25.98 5.52 -10.26
N ALA C 59 -26.74 4.87 -11.13
CA ALA C 59 -27.67 3.81 -10.73
C ALA C 59 -27.24 2.44 -11.30
N TRP C 60 -26.71 1.59 -10.42
CA TRP C 60 -26.05 0.33 -10.81
C TRP C 60 -26.76 -0.90 -10.29
N ASP C 61 -26.93 -1.90 -11.15
CA ASP C 61 -27.53 -3.17 -10.73
C ASP C 61 -27.03 -4.29 -11.65
N LYS C 62 -27.07 -5.55 -11.19
CA LYS C 62 -26.76 -6.66 -12.07
C LYS C 62 -27.91 -6.99 -13.02
N ASN C 63 -29.11 -6.57 -12.65
CA ASN C 63 -30.29 -7.00 -13.39
C ASN C 63 -30.52 -6.13 -14.62
N ALA C 64 -30.17 -6.67 -15.80
CA ALA C 64 -30.22 -5.90 -17.05
C ALA C 64 -31.63 -5.46 -17.41
N MET C 65 -32.62 -6.28 -17.04
CA MET C 65 -34.01 -5.93 -17.26
CA MET C 65 -34.00 -5.90 -17.29
C MET C 65 -34.42 -4.74 -16.42
N SER C 66 -34.02 -4.75 -15.14
CA SER C 66 -34.28 -3.65 -14.21
C SER C 66 -33.64 -2.36 -14.70
N ILE C 67 -32.37 -2.45 -15.12
CA ILE C 67 -31.67 -1.31 -15.67
C ILE C 67 -32.37 -0.77 -16.95
N ALA C 68 -32.88 -1.66 -17.80
CA ALA C 68 -33.61 -1.25 -19.03
C ALA C 68 -34.86 -0.46 -18.65
N ASN C 69 -35.51 -0.85 -17.55
CA ASN C 69 -36.70 -0.16 -17.07
C ASN C 69 -36.32 1.23 -16.51
N VAL C 70 -35.25 1.32 -15.70
CA VAL C 70 -34.78 2.64 -15.22
C VAL C 70 -34.48 3.56 -16.39
N GLU C 71 -33.81 3.01 -17.40
CA GLU C 71 -33.43 3.78 -18.61
C GLU C 71 -34.69 4.27 -19.34
N ARG C 72 -35.70 3.40 -19.46
CA ARG C 72 -37.00 3.77 -20.09
C ARG C 72 -37.68 4.94 -19.34
N ILE C 73 -37.75 4.78 -18.02
CA ILE C 73 -38.35 5.81 -17.18
C ILE C 73 -37.52 7.09 -17.29
N LYS C 74 -36.19 6.95 -17.24
CA LYS C 74 -35.26 8.07 -17.39
C LYS C 74 -35.60 8.95 -18.59
N SER C 75 -35.75 8.30 -19.75
CA SER C 75 -36.00 8.95 -21.02
C SER C 75 -37.33 9.74 -20.99
N ILE C 76 -38.40 9.08 -20.53
CA ILE C 76 -39.73 9.69 -20.41
C ILE C 76 -39.65 10.96 -19.57
N GLU C 77 -38.89 10.90 -18.47
CA GLU C 77 -38.86 11.94 -17.47
C GLU C 77 -37.77 12.96 -17.73
N ASN C 78 -37.01 12.79 -18.83
CA ASN C 78 -35.84 13.63 -19.14
C ASN C 78 -34.89 13.81 -17.93
N LEU C 79 -34.59 12.69 -17.28
CA LEU C 79 -33.67 12.75 -16.12
C LEU C 79 -32.25 12.57 -16.63
N ASP C 80 -31.74 13.61 -17.29
CA ASP C 80 -30.43 13.51 -17.93
C ASP C 80 -29.30 13.34 -16.89
N ASN C 81 -29.62 13.66 -15.63
CA ASN C 81 -28.68 13.50 -14.51
C ASN C 81 -28.62 12.09 -13.89
N LEU C 82 -29.24 11.14 -14.54
CA LEU C 82 -29.29 9.76 -14.03
C LEU C 82 -28.62 8.89 -15.06
N HIS C 83 -27.65 8.09 -14.63
CA HIS C 83 -26.86 7.26 -15.52
C HIS C 83 -26.89 5.82 -15.01
N THR C 84 -27.36 4.90 -15.84
CA THR C 84 -27.47 3.49 -15.45
C THR C 84 -26.26 2.68 -15.88
N ARG C 85 -26.09 1.50 -15.27
CA ARG C 85 -24.93 0.68 -15.55
C ARG C 85 -25.24 -0.70 -15.03
N VAL C 86 -24.94 -1.72 -15.83
CA VAL C 86 -25.13 -3.10 -15.40
C VAL C 86 -23.81 -3.53 -14.78
N VAL C 87 -23.83 -3.84 -13.48
CA VAL C 87 -22.59 -4.24 -12.75
C VAL C 87 -22.86 -5.45 -11.84
N ASP C 88 -21.82 -6.24 -11.58
CA ASP C 88 -21.90 -7.25 -10.56
C ASP C 88 -21.11 -6.79 -9.33
N LEU C 89 -21.79 -6.63 -8.20
CA LEU C 89 -21.17 -6.04 -7.03
C LEU C 89 -20.18 -6.96 -6.40
N ASN C 90 -20.30 -8.27 -6.69
CA ASN C 90 -19.29 -9.27 -6.27
C ASN C 90 -17.95 -9.14 -7.00
N ASN C 91 -17.92 -8.37 -8.08
CA ASN C 91 -16.71 -8.25 -8.85
C ASN C 91 -16.57 -6.83 -9.42
N LEU C 92 -16.46 -5.86 -8.50
CA LEU C 92 -16.48 -4.47 -8.90
C LEU C 92 -15.51 -3.63 -8.11
N THR C 93 -14.76 -2.78 -8.80
CA THR C 93 -14.15 -1.66 -8.11
C THR C 93 -14.56 -0.40 -8.86
N PHE C 94 -14.63 0.72 -8.13
CA PHE C 94 -15.01 1.99 -8.74
C PHE C 94 -14.15 3.11 -8.21
N ASP C 95 -14.09 4.21 -8.95
CA ASP C 95 -13.12 5.27 -8.62
C ASP C 95 -13.58 6.70 -8.45
N ARG C 96 -14.82 7.00 -8.79
CA ARG C 96 -15.32 8.37 -8.69
CA ARG C 96 -15.25 8.38 -8.69
C ARG C 96 -15.62 8.74 -7.26
N GLN C 97 -15.55 10.03 -6.95
CA GLN C 97 -15.84 10.57 -5.64
C GLN C 97 -17.32 10.96 -5.59
N TYR C 98 -17.99 10.59 -4.53
CA TYR C 98 -19.43 10.84 -4.40
C TYR C 98 -19.75 11.58 -3.12
N ASP C 99 -20.81 12.38 -3.20
CA ASP C 99 -21.36 13.08 -2.05
C ASP C 99 -22.20 12.14 -1.20
N PHE C 100 -22.76 11.10 -1.81
CA PHE C 100 -23.75 10.26 -1.15
C PHE C 100 -23.72 8.94 -1.88
N ILE C 101 -23.44 7.87 -1.14
CA ILE C 101 -23.55 6.50 -1.64
C ILE C 101 -24.54 5.78 -0.78
N LEU C 102 -25.47 5.05 -1.43
CA LEU C 102 -26.47 4.27 -0.71
C LEU C 102 -26.51 2.84 -1.23
N SER C 103 -26.70 1.92 -0.29
CA SER C 103 -27.04 0.53 -0.61
C SER C 103 -28.16 0.09 0.32
N THR C 104 -29.39 0.09 -0.18
CA THR C 104 -30.56 -0.29 0.61
C THR C 104 -31.06 -1.67 0.23
N VAL C 105 -31.12 -2.53 1.24
CA VAL C 105 -31.58 -3.93 1.10
C VAL C 105 -30.96 -4.66 -0.12
N VAL C 106 -29.63 -4.52 -0.24
CA VAL C 106 -28.85 -5.18 -1.29
C VAL C 106 -27.74 -6.09 -0.73
N LEU C 107 -27.03 -5.62 0.30
CA LEU C 107 -25.82 -6.33 0.75
C LEU C 107 -26.02 -7.79 1.15
N MET C 108 -27.18 -8.13 1.72
CA MET C 108 -27.42 -9.53 2.05
C MET C 108 -27.41 -10.48 0.85
N PHE C 109 -27.53 -9.96 -0.37
CA PHE C 109 -27.50 -10.82 -1.59
C PHE C 109 -26.07 -11.14 -2.08
N LEU C 110 -25.10 -10.45 -1.51
CA LEU C 110 -23.71 -10.55 -1.91
C LEU C 110 -22.94 -11.66 -1.17
N GLU C 111 -21.84 -12.12 -1.75
CA GLU C 111 -20.99 -13.10 -1.08
C GLU C 111 -20.40 -12.42 0.16
N ALA C 112 -20.33 -13.16 1.27
CA ALA C 112 -19.78 -12.61 2.52
C ALA C 112 -18.39 -12.00 2.26
N LYS C 113 -17.57 -12.64 1.42
CA LYS C 113 -16.19 -12.13 1.24
C LYS C 113 -16.12 -10.82 0.43
N THR C 114 -17.23 -10.43 -0.18
CA THR C 114 -17.32 -9.18 -0.93
C THR C 114 -17.38 -7.95 -0.04
N ILE C 115 -18.08 -8.08 1.09
CA ILE C 115 -18.45 -6.98 1.99
C ILE C 115 -17.29 -6.11 2.45
N PRO C 116 -16.21 -6.69 3.03
CA PRO C 116 -15.14 -5.79 3.50
C PRO C 116 -14.58 -4.88 2.41
N GLY C 117 -14.29 -5.43 1.23
CA GLY C 117 -13.68 -4.66 0.18
C GLY C 117 -14.66 -3.68 -0.42
N LEU C 118 -15.91 -4.08 -0.50
CA LEU C 118 -16.93 -3.17 -1.07
C LEU C 118 -17.16 -1.95 -0.16
N ILE C 119 -17.34 -2.18 1.14
CA ILE C 119 -17.49 -1.07 2.08
C ILE C 119 -16.22 -0.19 2.05
N ALA C 120 -15.05 -0.82 2.04
CA ALA C 120 -13.81 -0.01 1.98
C ALA C 120 -13.81 0.89 0.74
N ASN C 121 -14.36 0.38 -0.36
CA ASN C 121 -14.38 1.13 -1.61
C ASN C 121 -15.42 2.24 -1.53
N MET C 122 -16.58 1.96 -0.93
CA MET C 122 -17.59 3.01 -0.72
C MET C 122 -16.96 4.14 0.07
N GLN C 123 -16.21 3.78 1.12
CA GLN C 123 -15.71 4.77 2.08
C GLN C 123 -14.66 5.67 1.44
N ARG C 124 -13.72 5.05 0.72
CA ARG C 124 -12.67 5.82 0.04
C ARG C 124 -13.25 6.70 -1.09
N CYS C 125 -14.36 6.28 -1.71
CA CYS C 125 -14.99 7.06 -2.79
C CYS C 125 -16.06 8.04 -2.32
N THR C 126 -16.04 8.34 -1.02
CA THR C 126 -16.92 9.33 -0.46
C THR C 126 -16.13 10.62 -0.23
N LYS C 127 -16.70 11.75 -0.68
CA LYS C 127 -16.11 13.07 -0.43
C LYS C 127 -16.06 13.44 1.06
N PRO C 128 -15.04 14.20 1.48
CA PRO C 128 -15.12 14.70 2.84
C PRO C 128 -16.49 15.32 3.11
N GLY C 129 -17.10 14.99 4.27
CA GLY C 129 -18.42 15.53 4.60
C GLY C 129 -19.57 14.86 3.89
N GLY C 130 -19.26 13.87 3.07
CA GLY C 130 -20.26 13.04 2.37
C GLY C 130 -20.86 11.98 3.28
N TYR C 131 -21.88 11.31 2.77
CA TYR C 131 -22.69 10.37 3.55
C TYR C 131 -22.73 8.97 2.91
N ASN C 132 -22.83 7.94 3.76
CA ASN C 132 -23.18 6.62 3.28
C ASN C 132 -24.43 6.18 4.03
N LEU C 133 -25.33 5.55 3.30
CA LEU C 133 -26.56 4.98 3.87
C LEU C 133 -26.58 3.50 3.51
N ILE C 134 -26.60 2.67 4.52
CA ILE C 134 -26.73 1.26 4.32
C ILE C 134 -27.89 0.69 5.15
N VAL C 135 -28.68 -0.18 4.53
CA VAL C 135 -29.69 -0.96 5.25
C VAL C 135 -29.54 -2.42 4.77
N ALA C 136 -29.35 -3.34 5.70
CA ALA C 136 -29.15 -4.75 5.38
C ALA C 136 -29.53 -5.68 6.49
N ALA C 137 -29.93 -6.90 6.09
CA ALA C 137 -30.30 -7.98 7.01
C ALA C 137 -29.16 -8.32 7.99
N MET C 138 -29.57 -8.78 9.17
CA MET C 138 -28.64 -9.24 10.23
C MET C 138 -29.00 -10.66 10.60
N ASP C 139 -28.05 -11.36 11.20
CA ASP C 139 -28.22 -12.72 11.72
C ASP C 139 -27.74 -12.66 13.17
N THR C 140 -28.66 -12.88 14.10
CA THR C 140 -28.37 -12.81 15.52
C THR C 140 -28.90 -14.05 16.21
N ALA C 141 -28.49 -14.28 17.46
CA ALA C 141 -29.09 -15.37 18.23
C ALA C 141 -30.57 -15.09 18.51
N ASP C 142 -30.95 -13.85 18.82
CA ASP C 142 -32.37 -13.54 19.05
CA ASP C 142 -32.38 -13.53 19.06
C ASP C 142 -33.27 -13.61 17.80
N TYR C 143 -32.68 -13.26 16.66
CA TYR C 143 -33.38 -13.31 15.38
C TYR C 143 -32.48 -13.94 14.32
N PRO C 144 -32.51 -15.26 14.23
CA PRO C 144 -31.59 -15.94 13.29
C PRO C 144 -32.09 -15.81 11.86
N CYS C 145 -31.18 -15.72 10.89
CA CYS C 145 -31.57 -15.70 9.50
C CYS C 145 -31.86 -17.13 9.02
N THR C 146 -33.02 -17.32 8.41
CA THR C 146 -33.42 -18.67 8.00
C THR C 146 -33.77 -18.77 6.52
N VAL C 147 -33.51 -17.73 5.75
CA VAL C 147 -34.08 -17.65 4.40
C VAL C 147 -33.05 -17.69 3.31
N GLY C 148 -31.82 -18.03 3.67
CA GLY C 148 -30.82 -18.31 2.66
C GLY C 148 -30.03 -17.14 2.14
N PHE C 149 -30.00 -15.99 2.84
CA PHE C 149 -29.14 -14.87 2.39
C PHE C 149 -27.64 -15.30 2.38
N PRO C 150 -26.91 -15.04 1.27
CA PRO C 150 -25.46 -15.33 1.31
C PRO C 150 -24.70 -14.50 2.35
N PHE C 151 -25.20 -13.33 2.73
CA PHE C 151 -24.56 -12.52 3.75
C PHE C 151 -25.61 -11.90 4.69
N ALA C 152 -25.23 -11.76 5.95
CA ALA C 152 -25.98 -10.91 6.91
C ALA C 152 -24.99 -10.38 7.94
N PHE C 153 -25.25 -9.17 8.42
CA PHE C 153 -24.41 -8.55 9.41
C PHE C 153 -24.61 -9.18 10.77
N LYS C 154 -23.53 -9.27 11.55
CA LYS C 154 -23.68 -9.63 12.97
C LYS C 154 -24.05 -8.39 13.81
N GLU C 155 -24.50 -8.59 15.05
CA GLU C 155 -24.73 -7.45 15.98
C GLU C 155 -23.49 -6.53 16.11
N GLY C 156 -23.67 -5.24 15.88
CA GLY C 156 -22.56 -4.27 15.98
C GLY C 156 -21.55 -4.24 14.81
N GLU C 157 -21.66 -5.14 13.84
CA GLU C 157 -20.66 -5.24 12.75
C GLU C 157 -20.66 -4.09 11.76
N LEU C 158 -21.83 -3.70 11.24
CA LEU C 158 -21.92 -2.51 10.37
C LEU C 158 -21.45 -1.25 11.09
N ARG C 159 -21.83 -1.05 12.34
CA ARG C 159 -21.35 0.10 13.11
C ARG C 159 -19.81 0.14 13.16
N ARG C 160 -19.22 -1.00 13.44
CA ARG C 160 -17.75 -1.14 13.50
C ARG C 160 -17.03 -0.83 12.17
N TYR C 161 -17.59 -1.27 11.04
CA TYR C 161 -17.04 -0.87 9.76
C TYR C 161 -16.94 0.65 9.61
N TYR C 162 -17.82 1.38 10.25
CA TYR C 162 -17.84 2.83 10.12
C TYR C 162 -17.16 3.59 11.26
N GLU C 163 -16.26 2.94 11.98
CA GLU C 163 -15.40 3.70 12.90
C GLU C 163 -14.75 4.92 12.25
N GLY C 164 -14.70 6.02 13.00
CA GLY C 164 -14.13 7.25 12.48
C GLY C 164 -15.11 8.15 11.75
N TRP C 165 -16.32 7.63 11.46
CA TRP C 165 -17.38 8.40 10.81
C TRP C 165 -18.37 8.88 11.88
N GLU C 166 -19.13 9.93 11.58
CA GLU C 166 -20.22 10.31 12.44
C GLU C 166 -21.40 9.39 12.12
N ARG C 167 -21.88 8.66 13.13
CA ARG C 167 -23.06 7.81 12.99
C ARG C 167 -24.25 8.70 13.28
N VAL C 168 -24.71 9.40 12.25
CA VAL C 168 -25.88 10.27 12.29
C VAL C 168 -27.16 9.51 12.64
N LYS C 169 -27.34 8.33 12.06
CA LYS C 169 -28.36 7.37 12.47
C LYS C 169 -27.76 5.98 12.50
N TYR C 170 -28.00 5.23 13.57
CA TYR C 170 -27.63 3.80 13.59
C TYR C 170 -28.59 3.03 14.46
N ASN C 171 -29.18 1.95 13.93
CA ASN C 171 -30.01 1.06 14.75
C ASN C 171 -30.06 -0.33 14.14
N GLU C 172 -30.36 -1.33 14.98
CA GLU C 172 -30.46 -2.71 14.55
C GLU C 172 -31.86 -3.21 14.88
N ASP C 173 -32.87 -2.35 14.65
CA ASP C 173 -34.26 -2.69 14.97
C ASP C 173 -34.76 -3.94 14.25
N VAL C 174 -35.62 -4.69 14.93
CA VAL C 174 -36.34 -5.83 14.38
C VAL C 174 -37.28 -5.32 13.28
N GLY C 175 -37.12 -5.83 12.07
CA GLY C 175 -38.06 -5.55 10.99
C GLY C 175 -38.73 -6.86 10.65
N GLU C 176 -39.17 -6.99 9.41
CA GLU C 176 -39.82 -8.22 9.00
C GLU C 176 -39.39 -8.60 7.61
N LEU C 177 -39.45 -9.89 7.31
CA LEU C 177 -39.14 -10.39 5.99
C LEU C 177 -40.45 -10.62 5.27
N HIS C 178 -40.40 -10.57 3.95
CA HIS C 178 -41.58 -10.76 3.13
C HIS C 178 -41.85 -12.25 2.92
N ARG C 179 -42.27 -12.91 4.00
CA ARG C 179 -42.51 -14.34 4.03
C ARG C 179 -43.10 -14.67 5.39
N THR C 180 -44.01 -15.62 5.39
CA THR C 180 -44.71 -15.98 6.61
C THR C 180 -44.29 -17.35 7.14
N ASP C 181 -44.41 -17.50 8.47
CA ASP C 181 -44.22 -18.76 9.16
C ASP C 181 -45.17 -18.77 10.37
N ASN C 185 -47.67 -14.22 11.59
CA ASN C 185 -47.25 -14.70 10.28
C ASN C 185 -45.84 -14.26 9.82
N ARG C 186 -45.62 -12.96 9.58
CA ARG C 186 -44.37 -12.51 8.97
C ARG C 186 -43.16 -12.83 9.83
N ILE C 187 -42.10 -13.30 9.20
CA ILE C 187 -40.86 -13.63 9.89
C ILE C 187 -40.15 -12.36 10.33
N LYS C 188 -39.77 -12.28 11.61
CA LYS C 188 -39.03 -11.13 12.12
C LYS C 188 -37.53 -11.32 11.91
N LEU C 189 -36.81 -10.23 11.68
CA LEU C 189 -35.34 -10.30 11.51
C LEU C 189 -34.84 -8.91 11.79
N ARG C 190 -33.70 -8.79 12.43
CA ARG C 190 -33.14 -7.46 12.60
C ARG C 190 -32.50 -7.02 11.29
N PHE C 191 -32.50 -5.71 11.09
CA PHE C 191 -31.78 -5.08 10.02
C PHE C 191 -30.90 -3.99 10.58
N ALA C 192 -29.69 -3.89 10.07
CA ALA C 192 -28.81 -2.81 10.43
C ALA C 192 -29.06 -1.68 9.46
N THR C 193 -29.42 -0.53 10.03
CA THR C 193 -29.69 0.69 9.29
C THR C 193 -28.66 1.75 9.74
N MET C 194 -27.91 2.31 8.79
CA MET C 194 -26.90 3.31 9.12
C MET C 194 -26.90 4.51 8.17
N LEU C 195 -26.88 5.71 8.73
CA LEU C 195 -26.54 6.88 7.92
C LEU C 195 -25.31 7.44 8.58
N ALA C 196 -24.19 7.35 7.87
CA ALA C 196 -22.88 7.78 8.39
C ALA C 196 -22.32 8.94 7.59
N ARG C 197 -21.70 9.91 8.28
CA ARG C 197 -21.06 11.07 7.63
C ARG C 197 -19.54 11.03 7.78
N LYS C 198 -18.82 11.21 6.67
CA LYS C 198 -17.35 11.22 6.70
C LYS C 198 -16.78 12.53 7.26
N ARG D 6 18.16 33.60 -26.66
CA ARG D 6 18.39 33.11 -25.26
C ARG D 6 18.92 31.67 -25.19
N ASP D 7 20.22 31.51 -25.42
CA ASP D 7 20.82 30.18 -25.50
C ASP D 7 21.61 29.79 -24.26
N GLU D 8 22.58 28.92 -24.51
CA GLU D 8 23.43 28.28 -23.54
C GLU D 8 24.39 29.28 -22.91
N ASN D 9 24.68 30.34 -23.66
CA ASN D 9 25.59 31.37 -23.22
C ASN D 9 24.87 32.58 -22.67
N TYR D 10 23.59 32.72 -22.97
CA TYR D 10 22.88 33.93 -22.56
C TYR D 10 23.04 34.19 -21.06
N PHE D 11 22.64 33.24 -20.22
CA PHE D 11 22.71 33.46 -18.79
C PHE D 11 24.15 33.30 -18.31
N THR D 12 24.90 32.43 -18.98
CA THR D 12 26.30 32.22 -18.69
C THR D 12 27.06 33.57 -18.77
N ASP D 13 26.95 34.24 -19.91
CA ASP D 13 27.61 35.52 -20.13
C ASP D 13 27.02 36.69 -19.36
N LYS D 14 25.70 36.73 -19.22
CA LYS D 14 25.09 37.87 -18.55
C LYS D 14 25.17 37.82 -17.02
N TYR D 15 25.17 36.61 -16.44
CA TYR D 15 25.04 36.46 -14.98
C TYR D 15 26.20 35.71 -14.32
N GLU D 16 27.18 35.34 -15.14
CA GLU D 16 28.36 34.58 -14.69
C GLU D 16 28.02 33.32 -13.93
N LEU D 17 27.04 32.60 -14.46
CA LEU D 17 26.69 31.25 -14.06
C LEU D 17 27.59 30.25 -14.81
N THR D 18 27.68 29.04 -14.28
CA THR D 18 28.33 27.95 -15.03
C THR D 18 27.46 27.66 -16.25
N ARG D 19 28.09 27.27 -17.35
CA ARG D 19 27.39 26.91 -18.59
C ARG D 19 26.39 25.82 -18.30
N THR D 20 25.25 25.92 -18.99
CA THR D 20 24.14 24.96 -18.87
C THR D 20 24.71 23.53 -18.90
N HIS D 21 24.25 22.63 -18.01
CA HIS D 21 24.80 21.27 -17.97
C HIS D 21 24.65 20.60 -19.36
N SER D 22 25.72 19.98 -19.85
CA SER D 22 25.78 19.33 -21.16
C SER D 22 24.61 18.38 -21.41
N GLU D 23 24.16 17.71 -20.35
CA GLU D 23 23.09 16.71 -20.50
C GLU D 23 21.73 17.35 -20.57
N VAL D 24 21.63 18.58 -20.05
CA VAL D 24 20.40 19.35 -20.21
C VAL D 24 20.29 19.86 -21.63
N LEU D 25 21.38 20.38 -22.15
CA LEU D 25 21.39 20.78 -23.54
C LEU D 25 21.05 19.62 -24.49
N GLU D 26 21.59 18.42 -24.23
CA GLU D 26 21.27 17.24 -25.01
C GLU D 26 19.83 16.79 -24.84
N ALA D 27 19.37 16.74 -23.59
CA ALA D 27 18.00 16.32 -23.29
C ALA D 27 16.94 17.11 -24.05
N VAL D 28 17.16 18.42 -24.20
CA VAL D 28 16.10 19.24 -24.80
C VAL D 28 15.94 19.03 -26.31
N LYS D 29 16.82 18.20 -26.87
CA LYS D 29 16.73 17.83 -28.27
C LYS D 29 15.60 16.84 -28.50
N VAL D 30 15.30 16.01 -27.49
CA VAL D 30 14.12 15.11 -27.53
C VAL D 30 13.00 15.46 -26.57
N VAL D 31 13.30 16.05 -25.42
CA VAL D 31 12.25 16.35 -24.44
C VAL D 31 11.57 17.65 -24.86
N LYS D 32 10.28 17.57 -25.21
CA LYS D 32 9.53 18.75 -25.65
C LYS D 32 9.24 19.65 -24.45
N PRO D 33 9.11 20.98 -24.67
CA PRO D 33 8.70 21.88 -23.57
C PRO D 33 7.50 21.34 -22.78
N GLY D 34 7.62 21.36 -21.47
CA GLY D 34 6.53 20.92 -20.62
C GLY D 34 6.83 21.23 -19.16
N LYS D 35 5.96 20.71 -18.30
CA LYS D 35 6.05 20.95 -16.88
C LYS D 35 7.25 20.23 -16.31
N THR D 36 8.09 21.01 -15.61
CA THR D 36 9.46 20.58 -15.30
C THR D 36 9.77 20.85 -13.83
N LEU D 37 10.54 19.95 -13.22
CA LEU D 37 10.95 20.04 -11.83
C LEU D 37 12.46 19.86 -11.81
N ASP D 38 13.15 20.84 -11.22
CA ASP D 38 14.59 20.81 -11.15
C ASP D 38 14.95 20.65 -9.67
N LEU D 39 15.35 19.41 -9.32
CA LEU D 39 15.60 19.02 -7.93
C LEU D 39 17.02 19.32 -7.57
N GLY D 40 17.20 20.39 -6.81
CA GLY D 40 18.50 20.91 -6.44
C GLY D 40 19.02 21.83 -7.52
N CYS D 41 18.28 22.92 -7.78
CA CYS D 41 18.50 23.72 -8.98
C CYS D 41 19.76 24.58 -8.88
N GLY D 42 20.27 24.74 -7.67
CA GLY D 42 21.46 25.55 -7.47
C GLY D 42 21.18 27.00 -7.84
N ASN D 43 22.18 27.64 -8.47
CA ASN D 43 22.06 29.05 -8.83
C ASN D 43 21.20 29.28 -10.07
N GLY D 44 20.65 28.21 -10.63
CA GLY D 44 19.63 28.30 -11.64
C GLY D 44 20.03 28.11 -13.09
N ARG D 45 21.27 27.68 -13.38
CA ARG D 45 21.76 27.59 -14.77
C ARG D 45 20.80 26.76 -15.64
N ASN D 46 20.35 25.63 -15.12
CA ASN D 46 19.47 24.78 -15.92
C ASN D 46 18.03 25.25 -15.93
N SER D 47 17.55 25.68 -14.76
CA SER D 47 16.17 26.15 -14.58
C SER D 47 15.93 27.41 -15.41
N LEU D 48 16.90 28.30 -15.37
CA LEU D 48 16.83 29.55 -16.17
C LEU D 48 16.80 29.25 -17.68
N TYR D 49 17.71 28.39 -18.11
CA TYR D 49 17.77 27.96 -19.51
C TYR D 49 16.43 27.35 -19.94
N LEU D 50 15.89 26.44 -19.15
CA LEU D 50 14.64 25.74 -19.49
C LEU D 50 13.43 26.68 -19.54
N ALA D 51 13.26 27.48 -18.49
CA ALA D 51 12.19 28.50 -18.42
C ALA D 51 12.22 29.48 -19.64
N ALA D 52 13.42 29.87 -20.06
CA ALA D 52 13.57 30.78 -21.21
C ALA D 52 13.19 30.09 -22.52
N ASN D 53 13.27 28.75 -22.51
CA ASN D 53 13.01 27.96 -23.68
C ASN D 53 11.69 27.24 -23.66
N GLY D 54 10.77 27.79 -22.89
CA GLY D 54 9.37 27.35 -22.94
C GLY D 54 9.00 26.20 -22.03
N TYR D 55 9.87 25.84 -21.09
CA TYR D 55 9.53 24.85 -20.06
C TYR D 55 8.95 25.55 -18.87
N ASP D 56 7.98 24.89 -18.25
CA ASP D 56 7.28 25.42 -17.10
C ASP D 56 7.90 24.83 -15.82
N VAL D 57 8.74 25.63 -15.16
CA VAL D 57 9.74 25.10 -14.23
C VAL D 57 9.45 25.38 -12.74
N ASP D 58 9.52 24.32 -11.94
CA ASP D 58 9.60 24.41 -10.49
C ASP D 58 11.06 24.16 -10.14
N ALA D 59 11.69 25.13 -9.50
CA ALA D 59 13.13 25.07 -9.23
C ALA D 59 13.35 25.07 -7.71
N TRP D 60 13.81 23.93 -7.16
CA TRP D 60 13.89 23.76 -5.69
C TRP D 60 15.32 23.51 -5.24
N ASP D 61 15.70 24.09 -4.08
CA ASP D 61 17.06 23.91 -3.52
C ASP D 61 17.06 24.27 -2.03
N LYS D 62 17.99 23.70 -1.25
CA LYS D 62 18.04 23.99 0.17
C LYS D 62 18.74 25.31 0.43
N ASN D 63 19.53 25.77 -0.55
CA ASN D 63 20.30 26.98 -0.38
C ASN D 63 19.45 28.24 -0.66
N ALA D 64 19.07 28.96 0.40
CA ALA D 64 18.17 30.12 0.29
C ALA D 64 18.81 31.25 -0.48
N MET D 65 20.13 31.43 -0.31
CA MET D 65 20.86 32.44 -1.11
C MET D 65 20.80 32.08 -2.61
N SER D 66 21.01 30.81 -2.95
CA SER D 66 20.93 30.38 -4.35
C SER D 66 19.55 30.64 -4.97
N ILE D 67 18.50 30.27 -4.21
CA ILE D 67 17.13 30.50 -4.62
C ILE D 67 16.86 31.99 -4.80
N ALA D 68 17.32 32.80 -3.84
CA ALA D 68 17.17 34.24 -3.94
C ALA D 68 17.89 34.77 -5.17
N ASN D 69 19.00 34.12 -5.56
CA ASN D 69 19.70 34.50 -6.80
C ASN D 69 18.87 34.24 -8.06
N VAL D 70 18.22 33.07 -8.12
CA VAL D 70 17.33 32.72 -9.24
C VAL D 70 16.16 33.69 -9.34
N GLU D 71 15.49 33.94 -8.21
CA GLU D 71 14.49 35.01 -8.09
C GLU D 71 14.96 36.36 -8.63
N ARG D 72 16.13 36.81 -8.17
CA ARG D 72 16.72 38.07 -8.61
C ARG D 72 16.86 38.13 -10.13
N ILE D 73 17.46 37.08 -10.70
CA ILE D 73 17.68 36.99 -12.15
C ILE D 73 16.34 36.95 -12.86
N LYS D 74 15.47 36.10 -12.36
CA LYS D 74 14.12 35.97 -12.86
C LYS D 74 13.47 37.35 -12.99
N SER D 75 13.59 38.15 -11.94
CA SER D 75 13.01 39.48 -11.90
C SER D 75 13.57 40.42 -12.98
N ILE D 76 14.90 40.47 -13.11
CA ILE D 76 15.53 41.33 -14.09
C ILE D 76 15.13 40.88 -15.51
N GLU D 77 14.96 39.57 -15.69
CA GLU D 77 14.63 39.03 -17.00
C GLU D 77 13.14 38.94 -17.23
N ASN D 78 12.36 39.39 -16.23
CA ASN D 78 10.90 39.28 -16.28
C ASN D 78 10.51 37.94 -16.86
N LEU D 79 11.04 36.90 -16.23
CA LEU D 79 10.96 35.57 -16.75
C LEU D 79 9.79 34.83 -16.13
N ASP D 80 8.85 34.53 -17.01
CA ASP D 80 7.65 33.82 -16.71
C ASP D 80 8.04 32.34 -16.62
N ASN D 81 7.14 31.52 -16.08
CA ASN D 81 7.29 30.06 -16.09
C ASN D 81 8.42 29.50 -15.24
N LEU D 82 8.76 30.19 -14.16
CA LEU D 82 9.77 29.72 -13.25
C LEU D 82 9.33 30.05 -11.83
N HIS D 83 9.02 29.01 -11.04
CA HIS D 83 8.61 29.17 -9.64
C HIS D 83 9.71 28.58 -8.76
N THR D 84 10.09 29.26 -7.70
CA THR D 84 11.18 28.74 -6.85
C THR D 84 10.69 28.31 -5.46
N ARG D 85 11.37 27.34 -4.83
CA ARG D 85 11.04 26.99 -3.46
C ARG D 85 12.30 26.56 -2.75
N VAL D 86 12.41 26.91 -1.48
CA VAL D 86 13.50 26.37 -0.68
C VAL D 86 12.96 25.11 -0.06
N VAL D 87 13.64 23.97 -0.28
CA VAL D 87 13.19 22.69 0.26
C VAL D 87 14.43 21.91 0.72
N ASP D 88 14.22 20.93 1.58
CA ASP D 88 15.30 19.99 1.92
C ASP D 88 14.93 18.61 1.33
N LEU D 89 15.72 18.14 0.34
CA LEU D 89 15.45 16.84 -0.35
C LEU D 89 15.51 15.58 0.52
N ASN D 90 16.20 15.67 1.65
CA ASN D 90 16.25 14.58 2.62
C ASN D 90 14.95 14.48 3.44
N ASN D 91 14.08 15.49 3.36
CA ASN D 91 12.80 15.50 4.10
C ASN D 91 11.72 16.15 3.23
N LEU D 92 11.39 15.49 2.12
CA LEU D 92 10.42 16.04 1.20
C LEU D 92 9.62 14.95 0.53
N THR D 93 8.33 15.21 0.35
CA THR D 93 7.50 14.49 -0.64
C THR D 93 6.75 15.52 -1.48
N PHE D 94 6.47 15.18 -2.73
CA PHE D 94 5.73 16.07 -3.63
C PHE D 94 4.72 15.28 -4.47
N ASP D 95 3.77 16.01 -5.04
CA ASP D 95 2.57 15.41 -5.61
C ASP D 95 2.13 15.88 -7.00
N ARG D 96 2.74 16.95 -7.53
CA ARG D 96 2.38 17.39 -8.89
C ARG D 96 2.97 16.43 -9.93
N GLN D 97 2.34 16.36 -11.11
CA GLN D 97 2.80 15.51 -12.21
C GLN D 97 3.63 16.35 -13.18
N TYR D 98 4.77 15.83 -13.60
CA TYR D 98 5.69 16.55 -14.50
C TYR D 98 5.97 15.81 -15.79
N ASP D 99 6.18 16.58 -16.87
CA ASP D 99 6.69 16.07 -18.13
C ASP D 99 8.18 15.73 -18.07
N PHE D 100 8.89 16.43 -17.19
CA PHE D 100 10.37 16.33 -17.14
C PHE D 100 10.83 16.59 -15.71
N ILE D 101 11.52 15.62 -15.12
CA ILE D 101 12.17 15.85 -13.84
C ILE D 101 13.68 15.63 -14.03
N LEU D 102 14.45 16.62 -13.60
CA LEU D 102 15.90 16.49 -13.67
C LEU D 102 16.55 16.68 -12.29
N SER D 103 17.58 15.86 -12.03
CA SER D 103 18.44 16.05 -10.88
C SER D 103 19.89 15.95 -11.34
N THR D 104 20.55 17.08 -11.58
CA THR D 104 21.93 17.02 -12.05
C THR D 104 22.94 17.39 -10.97
N VAL D 105 23.89 16.47 -10.74
CA VAL D 105 24.98 16.62 -9.75
C VAL D 105 24.51 17.07 -8.34
N VAL D 106 23.43 16.41 -7.89
CA VAL D 106 22.78 16.69 -6.60
C VAL D 106 22.71 15.42 -5.72
N LEU D 107 22.32 14.27 -6.28
CA LEU D 107 22.06 13.08 -5.44
C LEU D 107 23.21 12.62 -4.53
N MET D 108 24.46 12.81 -4.93
CA MET D 108 25.58 12.40 -4.07
C MET D 108 25.71 13.22 -2.77
N PHE D 109 25.03 14.36 -2.68
CA PHE D 109 25.09 15.17 -1.48
C PHE D 109 23.97 14.82 -0.50
N LEU D 110 23.05 13.96 -0.94
CA LEU D 110 21.96 13.50 -0.07
C LEU D 110 22.34 12.29 0.82
N GLU D 111 21.60 12.12 1.92
CA GLU D 111 21.73 10.92 2.78
C GLU D 111 21.42 9.68 1.97
N ALA D 112 22.19 8.62 2.17
CA ALA D 112 21.99 7.38 1.38
C ALA D 112 20.54 6.85 1.54
N LYS D 113 19.99 6.92 2.77
CA LYS D 113 18.61 6.45 3.06
C LYS D 113 17.53 7.22 2.29
N THR D 114 17.85 8.44 1.87
CA THR D 114 16.92 9.27 1.11
C THR D 114 16.65 8.77 -0.31
N ILE D 115 17.67 8.15 -0.91
CA ILE D 115 17.68 7.90 -2.36
C ILE D 115 16.51 7.03 -2.89
N PRO D 116 16.28 5.81 -2.33
CA PRO D 116 15.21 4.96 -2.90
C PRO D 116 13.84 5.66 -2.91
N GLY D 117 13.50 6.28 -1.79
CA GLY D 117 12.23 7.01 -1.67
C GLY D 117 12.14 8.18 -2.63
N LEU D 118 13.24 8.93 -2.74
CA LEU D 118 13.23 10.12 -3.61
C LEU D 118 13.03 9.74 -5.08
N ILE D 119 13.76 8.71 -5.52
CA ILE D 119 13.63 8.21 -6.89
C ILE D 119 12.20 7.70 -7.13
N ALA D 120 11.64 6.93 -6.19
CA ALA D 120 10.25 6.46 -6.32
C ALA D 120 9.25 7.60 -6.45
N ASN D 121 9.48 8.68 -5.73
CA ASN D 121 8.61 9.86 -5.80
C ASN D 121 8.76 10.55 -7.18
N MET D 122 9.99 10.69 -7.66
CA MET D 122 10.19 11.24 -9.01
C MET D 122 9.45 10.37 -10.03
N GLN D 123 9.57 9.05 -9.89
CA GLN D 123 9.01 8.11 -10.87
C GLN D 123 7.49 8.18 -10.88
N ARG D 124 6.91 8.23 -9.69
CA ARG D 124 5.43 8.27 -9.56
C ARG D 124 4.89 9.62 -10.03
N CYS D 125 5.72 10.65 -9.90
CA CYS D 125 5.34 12.00 -10.28
C CYS D 125 5.70 12.36 -11.73
N THR D 126 6.06 11.35 -12.51
CA THR D 126 6.29 11.56 -13.95
C THR D 126 5.07 11.21 -14.77
N LYS D 127 4.70 12.10 -15.70
CA LYS D 127 3.61 11.80 -16.64
C LYS D 127 3.96 10.64 -17.59
N PRO D 128 2.95 9.83 -18.01
CA PRO D 128 3.28 8.82 -19.02
C PRO D 128 3.96 9.47 -20.23
N GLY D 129 5.07 8.88 -20.70
CA GLY D 129 5.89 9.46 -21.77
C GLY D 129 6.78 10.61 -21.32
N GLY D 130 6.75 10.92 -20.02
CA GLY D 130 7.66 11.93 -19.48
C GLY D 130 9.06 11.38 -19.27
N TYR D 131 9.99 12.27 -18.95
CA TYR D 131 11.40 11.90 -18.83
C TYR D 131 11.93 12.14 -17.44
N ASN D 132 12.92 11.35 -17.04
CA ASN D 132 13.75 11.68 -15.89
C ASN D 132 15.21 11.77 -16.34
N LEU D 133 15.91 12.80 -15.88
CA LEU D 133 17.34 12.95 -16.14
C LEU D 133 18.08 13.01 -14.81
N ILE D 134 19.02 12.10 -14.58
CA ILE D 134 19.81 12.08 -13.37
C ILE D 134 21.29 11.99 -13.81
N VAL D 135 22.13 12.81 -13.18
CA VAL D 135 23.58 12.67 -13.25
C VAL D 135 24.12 12.71 -11.81
N ALA D 136 24.90 11.71 -11.37
CA ALA D 136 25.34 11.64 -9.99
C ALA D 136 26.63 10.87 -9.88
N ALA D 137 27.47 11.28 -8.95
CA ALA D 137 28.69 10.56 -8.69
C ALA D 137 28.49 9.06 -8.33
N MET D 138 29.51 8.28 -8.62
CA MET D 138 29.55 6.84 -8.39
C MET D 138 30.74 6.45 -7.51
N ASP D 139 30.65 5.26 -6.92
CA ASP D 139 31.71 4.65 -6.15
C ASP D 139 31.93 3.25 -6.68
N THR D 140 33.03 3.00 -7.39
CA THR D 140 33.27 1.71 -8.06
C THR D 140 34.65 1.15 -7.70
N ALA D 141 34.90 -0.11 -8.07
CA ALA D 141 36.20 -0.74 -7.81
C ALA D 141 37.32 -0.05 -8.60
N ASP D 142 37.07 0.34 -9.85
CA ASP D 142 38.11 1.04 -10.61
C ASP D 142 38.28 2.51 -10.29
N TYR D 143 37.20 3.12 -9.79
CA TYR D 143 37.21 4.52 -9.37
C TYR D 143 36.51 4.66 -8.02
N PRO D 144 37.22 4.38 -6.92
CA PRO D 144 36.58 4.50 -5.60
C PRO D 144 36.32 5.96 -5.30
N CYS D 145 35.27 6.24 -4.54
CA CYS D 145 34.99 7.60 -4.10
C CYS D 145 35.98 7.94 -3.00
N THR D 146 36.72 9.01 -3.25
CA THR D 146 37.80 9.43 -2.40
C THR D 146 37.45 10.77 -1.76
N VAL D 147 36.27 11.32 -2.06
CA VAL D 147 35.93 12.70 -1.63
C VAL D 147 34.82 12.72 -0.56
N GLY D 148 34.38 11.53 -0.17
CA GLY D 148 33.45 11.35 0.93
C GLY D 148 32.04 11.86 0.74
N PHE D 149 31.49 11.75 -0.47
CA PHE D 149 30.08 12.12 -0.67
C PHE D 149 29.22 11.27 0.25
N PRO D 150 28.17 11.87 0.85
CA PRO D 150 27.26 11.07 1.66
C PRO D 150 26.59 9.94 0.90
N PHE D 151 26.42 10.10 -0.41
CA PHE D 151 25.88 9.02 -1.26
C PHE D 151 26.66 8.92 -2.55
N ALA D 152 26.75 7.71 -3.12
CA ALA D 152 27.24 7.50 -4.50
C ALA D 152 26.69 6.21 -5.09
N PHE D 153 26.28 6.24 -6.35
CA PHE D 153 25.70 5.05 -6.97
C PHE D 153 26.79 4.00 -7.15
N LYS D 154 26.42 2.75 -6.93
CA LYS D 154 27.28 1.63 -7.32
C LYS D 154 27.11 1.34 -8.81
N GLU D 155 28.08 0.61 -9.39
CA GLU D 155 28.02 0.22 -10.81
C GLU D 155 26.71 -0.47 -11.11
N GLY D 156 25.97 0.08 -12.07
CA GLY D 156 24.72 -0.55 -12.53
C GLY D 156 23.49 -0.16 -11.72
N GLU D 157 23.69 0.54 -10.62
CA GLU D 157 22.62 0.79 -9.63
C GLU D 157 21.57 1.78 -10.15
N LEU D 158 22.02 2.91 -10.70
CA LEU D 158 21.06 3.87 -11.22
C LEU D 158 20.24 3.23 -12.34
N ARG D 159 20.90 2.47 -13.20
CA ARG D 159 20.18 1.75 -14.28
C ARG D 159 19.05 0.84 -13.71
N ARG D 160 19.41 0.05 -12.71
CA ARG D 160 18.46 -0.86 -12.03
CA ARG D 160 18.45 -0.86 -12.05
C ARG D 160 17.21 -0.13 -11.50
N TYR D 161 17.41 1.03 -10.86
CA TYR D 161 16.27 1.83 -10.37
C TYR D 161 15.20 2.14 -11.39
N TYR D 162 15.63 2.26 -12.64
CA TYR D 162 14.77 2.58 -13.77
C TYR D 162 14.37 1.42 -14.65
N GLU D 163 14.39 0.22 -14.08
CA GLU D 163 13.80 -0.93 -14.77
C GLU D 163 12.34 -0.61 -15.14
N GLY D 164 11.94 -0.98 -16.36
CA GLY D 164 10.59 -0.70 -16.85
C GLY D 164 10.45 0.64 -17.57
N TRP D 165 11.52 1.43 -17.58
CA TRP D 165 11.54 2.68 -18.33
C TRP D 165 12.41 2.45 -19.55
N GLU D 166 12.22 3.29 -20.57
CA GLU D 166 13.12 3.29 -21.70
C GLU D 166 14.40 4.01 -21.28
N ARG D 167 15.52 3.32 -21.30
CA ARG D 167 16.79 3.99 -21.00
C ARG D 167 17.23 4.61 -22.33
N VAL D 168 16.77 5.83 -22.60
CA VAL D 168 17.16 6.57 -23.81
C VAL D 168 18.70 6.78 -23.87
N LYS D 169 19.25 7.19 -22.72
CA LYS D 169 20.68 7.38 -22.58
C LYS D 169 21.10 6.87 -21.22
N TYR D 170 22.13 6.03 -21.21
CA TYR D 170 22.72 5.65 -19.94
C TYR D 170 24.18 5.36 -20.09
N ASN D 171 25.00 5.97 -19.25
CA ASN D 171 26.41 5.66 -19.19
C ASN D 171 27.01 5.88 -17.84
N GLU D 172 28.16 5.26 -17.62
CA GLU D 172 28.89 5.40 -16.36
C GLU D 172 30.28 6.00 -16.59
N ASP D 173 30.36 6.94 -17.52
CA ASP D 173 31.66 7.48 -17.96
C ASP D 173 32.43 8.19 -16.86
N VAL D 174 33.74 8.07 -16.94
CA VAL D 174 34.67 8.72 -16.05
C VAL D 174 34.59 10.23 -16.30
N GLY D 175 34.39 11.01 -15.23
CA GLY D 175 34.55 12.48 -15.32
C GLY D 175 35.72 12.94 -14.45
N GLU D 176 36.03 14.24 -14.47
CA GLU D 176 37.11 14.80 -13.64
C GLU D 176 36.59 15.97 -12.84
N LEU D 177 36.60 15.86 -11.50
CA LEU D 177 36.16 17.01 -10.67
C LEU D 177 37.12 18.19 -10.91
N HIS D 178 36.64 19.40 -10.69
CA HIS D 178 37.45 20.59 -10.93
C HIS D 178 38.27 20.86 -9.69
N ARG D 179 39.13 19.93 -9.31
CA ARG D 179 39.97 20.08 -8.11
C ARG D 179 40.99 18.98 -8.10
N THR D 180 42.09 19.19 -7.37
CA THR D 180 43.22 18.25 -7.41
C THR D 180 43.34 17.40 -6.15
N ASP D 181 43.92 16.22 -6.26
CA ASP D 181 44.21 15.42 -5.07
C ASP D 181 45.57 15.84 -4.55
N ALA D 182 46.10 15.09 -3.57
CA ALA D 182 47.37 15.43 -2.88
C ALA D 182 48.58 15.48 -3.79
N ASN D 183 48.53 14.73 -4.90
CA ASN D 183 49.64 14.71 -5.85
C ASN D 183 49.52 15.80 -6.90
N GLY D 184 48.38 16.47 -6.95
CA GLY D 184 48.20 17.56 -7.90
C GLY D 184 47.55 17.12 -9.19
N ASN D 185 46.87 15.97 -9.14
CA ASN D 185 46.18 15.42 -10.29
C ASN D 185 44.69 15.61 -10.06
N ARG D 186 43.96 15.92 -11.13
CA ARG D 186 42.55 16.14 -10.96
C ARG D 186 41.86 14.87 -10.50
N ILE D 187 40.88 15.02 -9.62
CA ILE D 187 40.20 13.85 -9.08
C ILE D 187 39.26 13.27 -10.14
N LYS D 188 39.40 11.97 -10.42
CA LYS D 188 38.55 11.31 -11.44
C LYS D 188 37.54 10.40 -10.74
N LEU D 189 36.34 10.32 -11.31
CA LEU D 189 35.26 9.55 -10.71
C LEU D 189 34.37 9.17 -11.86
N ARG D 190 33.75 7.99 -11.79
CA ARG D 190 32.66 7.72 -12.72
C ARG D 190 31.43 8.50 -12.31
N PHE D 191 30.64 8.93 -13.30
CA PHE D 191 29.32 9.46 -13.01
C PHE D 191 28.27 8.62 -13.68
N ALA D 192 27.17 8.37 -13.00
CA ALA D 192 26.07 7.72 -13.68
C ALA D 192 25.20 8.80 -14.33
N THR D 193 24.96 8.65 -15.63
CA THR D 193 24.20 9.65 -16.40
C THR D 193 23.09 8.85 -17.05
N MET D 194 21.84 9.25 -16.83
CA MET D 194 20.67 8.54 -17.37
C MET D 194 19.59 9.52 -17.82
N LEU D 195 19.07 9.35 -19.04
CA LEU D 195 17.86 9.96 -19.50
C LEU D 195 16.91 8.81 -19.72
N ALA D 196 15.83 8.74 -18.92
CA ALA D 196 14.87 7.62 -18.98
C ALA D 196 13.50 8.18 -19.33
N ARG D 197 12.75 7.42 -20.16
CA ARG D 197 11.41 7.77 -20.54
C ARG D 197 10.37 6.78 -19.98
N LYS D 198 9.34 7.32 -19.36
CA LYS D 198 8.27 6.52 -18.78
C LYS D 198 7.32 6.01 -19.87
N LYS D 199 6.91 4.76 -19.70
CA LYS D 199 5.90 4.09 -20.54
C LYS D 199 4.60 4.87 -20.83
N SFG E . 0.45 -17.84 -6.41
CA SFG E . -0.88 -17.44 -5.99
C SFG E . -1.92 -18.28 -6.72
O SFG E . -3.10 -18.33 -6.26
OXT SFG E . -1.58 -18.91 -7.77
CB SFG E . -1.04 -15.95 -6.34
CG SFG E . -1.91 -15.18 -5.35
CD SFG E . -2.17 -13.69 -5.70
NE SFG E . -2.76 -13.53 -6.99
C5' SFG E . -0.91 -12.84 -5.78
C4' SFG E . -0.12 -12.93 -4.48
O4' SFG E . 1.11 -12.20 -4.59
C3' SFG E . -0.88 -12.30 -3.32
O3' SFG E . -1.08 -13.32 -2.33
C2' SFG E . 0.05 -11.22 -2.80
O2' SFG E . 0.08 -11.11 -1.37
C1' SFG E . 1.41 -11.67 -3.31
N9 SFG E . 2.35 -10.54 -3.31
C8 SFG E . 2.18 -9.33 -3.87
N7 SFG E . 3.27 -8.56 -3.61
C5 SFG E . 4.12 -9.29 -2.87
C6 SFG E . 5.37 -9.02 -2.34
N6 SFG E . 5.97 -7.81 -2.50
N1 SFG E . 5.98 -9.99 -1.65
C2 SFG E . 5.40 -11.21 -1.44
N3 SFG E . 4.20 -11.49 -1.93
C4 SFG E . 3.55 -10.54 -2.68
N SFG F . 7.17 2.22 17.07
CA SFG F . 8.02 2.71 15.99
C SFG F . 8.88 3.82 16.54
O SFG F . 9.99 4.10 15.98
OXT SFG F . 8.40 4.45 17.50
CB SFG F . 7.10 3.32 14.92
CG SFG F . 7.65 3.35 13.51
CD SFG F . 6.69 4.01 12.48
NE SFG F . 6.36 5.38 12.86
C5' SFG F . 5.32 3.30 12.33
C4' SFG F . 5.40 1.78 12.20
O4' SFG F . 4.05 1.27 12.18
C3' SFG F . 6.05 1.34 10.85
O3' SFG F . 7.14 0.44 11.12
C2' SFG F . 4.96 0.62 10.11
O2' SFG F . 5.49 -0.48 9.37
C1' SFG F . 4.05 0.16 11.27
N9 SFG F . 2.73 -0.28 10.76
C8 SFG F . 1.87 0.44 10.00
N7 SFG F . 0.80 -0.35 9.73
C5 SFG F . 0.96 -1.55 10.33
C6 SFG F . 0.20 -2.73 10.41
N6 SFG F . -1.01 -2.82 9.78
N1 SFG F . 0.66 -3.78 11.10
C2 SFG F . 1.86 -3.73 11.75
N3 SFG F . 2.61 -2.61 11.68
C4 SFG F . 2.18 -1.49 11.01
ZN ZN G . 9.44 12.17 21.28
N SFG H . -31.72 -0.83 -3.45
CA SFG H . -32.93 -1.40 -4.07
C SFG H . -34.17 -0.86 -3.39
O SFG H . -35.31 -0.96 -3.89
OXT SFG H . -34.02 -0.35 -2.28
CB SFG H . -32.86 -2.92 -3.79
CG SFG H . -33.71 -3.78 -4.72
CD SFG H . -33.63 -5.31 -4.45
NE SFG H . -34.22 -5.62 -3.19
C5' SFG H . -32.18 -5.86 -4.39
C4' SFG H . -31.34 -5.50 -5.63
O4' SFG H . -29.95 -5.90 -5.51
C3' SFG H . -31.86 -6.14 -6.89
O3' SFG H . -32.07 -5.07 -7.83
C2' SFG H . -30.72 -7.04 -7.34
O2' SFG H . -30.68 -7.29 -8.75
C1' SFG H . -29.49 -6.32 -6.78
N9 SFG H . -28.34 -7.23 -6.69
C8 SFG H . -28.30 -8.40 -6.04
N7 SFG H . -27.05 -8.92 -6.19
C5 SFG H . -26.30 -8.06 -6.90
C6 SFG H . -25.00 -8.11 -7.39
N6 SFG H . -24.13 -9.16 -7.19
N1 SFG H . -24.59 -7.05 -8.12
C2 SFG H . -25.40 -6.01 -8.38
N3 SFG H . -26.68 -5.95 -7.97
C4 SFG H . -27.14 -7.00 -7.24
ZN ZN I . -38.57 1.28 5.40
N SFG J . 21.59 21.06 -10.18
CA SFG J . 22.66 22.04 -9.94
C SFG J . 23.49 22.18 -11.20
O SFG J . 24.24 23.19 -11.38
OXT SFG J . 23.46 21.28 -12.08
CB SFG J . 23.48 21.42 -8.80
CG SFG J . 24.33 22.36 -7.96
CD SFG J . 25.18 21.65 -6.90
NE SFG J . 26.21 20.82 -7.46
C5' SFG J . 24.36 20.79 -5.91
C4' SFG J . 23.13 21.50 -5.28
O4' SFG J . 22.46 20.56 -4.41
C3' SFG J . 23.43 22.72 -4.43
O3' SFG J . 22.69 23.84 -4.99
C2' SFG J . 22.90 22.35 -3.04
O2' SFG J . 22.31 23.39 -2.26
C1' SFG J . 21.85 21.27 -3.37
N9 SFG J . 21.51 20.38 -2.23
C8 SFG J . 22.35 19.62 -1.46
N7 SFG J . 21.62 18.97 -0.50
C5 SFG J . 20.34 19.32 -0.67
C6 SFG J . 19.20 18.98 0.01
N6 SFG J . 19.32 18.12 1.05
N1 SFG J . 18.02 19.51 -0.40
C2 SFG J . 17.95 20.37 -1.44
N3 SFG J . 19.06 20.77 -2.11
C4 SFG J . 20.26 20.21 -1.74
ZN ZN K . 28.86 18.01 -18.51
#